data_5T64
#
_entry.id   5T64
#
_cell.length_a   51.340
_cell.length_b   110.894
_cell.length_c   143.251
_cell.angle_alpha   90.00
_cell.angle_beta   90.00
_cell.angle_gamma   90.00
#
_symmetry.space_group_name_H-M   'P 21 21 21'
#
loop_
_entity.id
_entity.type
_entity.pdbx_description
1 polymer 'Sugar 3-C-methyl transferase'
2 non-polymer 'ZINC ION'
3 non-polymer S-ADENOSYL-L-HOMOCYSTEINE
4 non-polymer 'MAGNESIUM ION'
5 non-polymer "THYMIDINE-5'-PHOSPHATE"
6 non-polymer 1,2-ETHANEDIOL
7 water water
#
_entity_poly.entity_id   1
_entity_poly.type   'polypeptide(L)'
_entity_poly.pdbx_seq_one_letter_code
;GHMTGPTDATAPARCRVCGDTVDEFLDLGRQPLSDRFLTPADTDGEFFYRLAVGRCHACGMVQLTEEVPRHLMFHEEYPY
HSSGSSVMREHFAKVAQRLLATELTGADPFVVEIGCNDGIMLRAVHEAGVRHLGFEPSAGVAEVARSRGVRVRTEFFEKA
TATAVRESEGPADVIYAANTMCHIPYLESVFQGADALLGPDGVVVFEDPYLGDIVAKTSFDQIYDEHFYLFSAGSVAAMA
ERFGFELVDVERLPVHGGEVRYTLARRGARTPTEAVGRLLAEEREQGLDDLATLRTFAANVHTVRDELVALLTRLRAEGH
RVVGYGATAKSATVTNFCGIGPDLVSFVCDTTPGKQHRLTPGKHLPVRPAEAFADPYPDYALLFAWNHADEIMAKEQEFR
QAGGRWILYVPEVRVL
;
_entity_poly.pdbx_strand_id   A,B
#
loop_
_chem_comp.id
_chem_comp.type
_chem_comp.name
_chem_comp.formula
EDO non-polymer 1,2-ETHANEDIOL 'C2 H6 O2'
MG non-polymer 'MAGNESIUM ION' 'Mg 2'
TMP non-polymer THYMIDINE-5'-PHOSPHATE 'C10 H15 N2 O8 P'
ZN non-polymer 'ZINC ION' 'Zn 2'
#
# COMPACT_ATOMS: atom_id res chain seq x y z
N ALA A 11 31.87 0.99 30.36
CA ALA A 11 31.23 -0.05 29.49
C ALA A 11 30.15 0.56 28.59
N PRO A 12 30.38 0.53 27.26
CA PRO A 12 29.25 0.83 26.39
C PRO A 12 28.28 -0.34 26.40
N ALA A 13 27.16 -0.19 25.70
CA ALA A 13 26.20 -1.28 25.55
C ALA A 13 26.84 -2.56 25.02
N ARG A 14 26.22 -3.68 25.37
CA ARG A 14 26.46 -4.93 24.65
C ARG A 14 25.20 -5.33 23.90
N CYS A 15 25.43 -5.82 22.70
CA CYS A 15 24.34 -6.16 21.81
C CYS A 15 23.48 -7.27 22.37
N ARG A 16 22.17 -7.09 22.27
CA ARG A 16 21.23 -8.03 22.83
C ARG A 16 21.00 -9.26 21.92
N VAL A 17 21.52 -9.21 20.69
CA VAL A 17 21.46 -10.35 19.78
C VAL A 17 22.75 -11.20 19.90
N CYS A 18 23.92 -10.58 19.75
CA CYS A 18 25.19 -11.31 19.67
C CYS A 18 26.20 -11.06 20.79
N GLY A 19 25.92 -10.12 21.68
CA GLY A 19 26.83 -9.81 22.78
C GLY A 19 27.98 -8.84 22.62
N ASP A 20 28.27 -8.40 21.38
CA ASP A 20 29.43 -7.59 21.07
C ASP A 20 29.09 -6.12 21.34
N THR A 21 30.02 -5.21 21.04
CA THR A 21 29.93 -3.84 21.48
C THR A 21 29.08 -2.97 20.54
N VAL A 22 28.21 -2.19 21.17
CA VAL A 22 27.27 -1.27 20.51
C VAL A 22 27.79 0.15 20.61
N ASP A 23 27.92 0.81 19.47
CA ASP A 23 28.29 2.23 19.45
C ASP A 23 27.03 3.08 19.43
N GLU A 24 26.86 3.86 20.47
CA GLU A 24 25.68 4.70 20.62
C GLU A 24 25.83 5.86 19.64
N PHE A 25 24.73 6.28 19.02
CA PHE A 25 24.78 7.40 18.09
C PHE A 25 23.70 8.46 18.25
N LEU A 26 22.72 8.19 19.09
CA LEU A 26 21.65 9.19 19.35
C LEU A 26 21.11 9.03 20.77
N ASP A 27 21.13 10.11 21.55
CA ASP A 27 20.75 10.11 22.96
C ASP A 27 19.51 10.99 23.02
N LEU A 28 18.37 10.41 23.32
CA LEU A 28 17.10 11.12 23.35
C LEU A 28 16.70 11.49 24.77
N GLY A 29 17.62 11.29 25.71
CA GLY A 29 17.38 11.79 27.05
C GLY A 29 16.47 10.96 27.92
N ARG A 30 16.03 11.59 29.00
CA ARG A 30 15.19 10.95 29.95
C ARG A 30 13.75 10.95 29.40
N GLN A 31 13.17 9.77 29.39
CA GLN A 31 11.86 9.50 28.75
C GLN A 31 10.96 8.74 29.69
N PRO A 32 9.64 9.02 29.64
CA PRO A 32 8.67 8.20 30.29
C PRO A 32 8.29 6.98 29.47
N LEU A 33 7.44 6.15 30.04
CA LEU A 33 6.85 5.05 29.28
C LEU A 33 5.85 5.69 28.30
N SER A 34 5.88 5.31 27.03
CA SER A 34 5.14 6.03 25.98
C SER A 34 3.62 5.93 26.11
N ASP A 35 3.17 4.87 26.78
CA ASP A 35 1.78 4.52 26.75
C ASP A 35 1.22 4.68 28.15
N ARG A 36 1.99 5.30 29.06
CA ARG A 36 1.48 5.53 30.40
C ARG A 36 0.93 6.94 30.65
N PHE A 37 -0.36 7.14 30.35
CA PHE A 37 -1.00 8.43 30.52
C PHE A 37 -1.37 8.61 31.99
N LEU A 38 -1.28 9.85 32.48
CA LEU A 38 -1.38 10.11 33.93
C LEU A 38 -2.60 10.91 34.35
N THR A 39 -3.01 10.70 35.60
CA THR A 39 -3.85 11.62 36.35
C THR A 39 -2.90 12.49 37.15
N PRO A 40 -3.33 13.67 37.57
CA PRO A 40 -2.45 14.52 38.37
C PRO A 40 -1.74 13.83 39.56
N ALA A 41 -2.43 12.88 40.22
CA ALA A 41 -1.85 12.13 41.33
C ALA A 41 -0.67 11.23 40.92
N ASP A 42 -0.57 10.86 39.65
CA ASP A 42 0.50 9.96 39.24
C ASP A 42 1.83 10.67 39.01
N THR A 43 1.82 12.00 38.92
CA THR A 43 2.93 12.68 38.28
C THR A 43 4.26 12.59 39.05
N ASP A 44 4.20 12.66 40.39
CA ASP A 44 5.43 12.53 41.21
C ASP A 44 6.08 11.14 41.05
N GLY A 45 5.24 10.11 40.94
CA GLY A 45 5.65 8.70 40.87
C GLY A 45 6.09 8.15 39.51
N GLU A 46 6.06 9.03 38.51
CA GLU A 46 6.30 8.64 37.10
C GLU A 46 7.66 7.98 36.80
N PHE A 47 7.64 6.83 36.12
CA PHE A 47 8.83 6.11 35.70
C PHE A 47 9.49 6.85 34.57
N PHE A 48 10.83 6.96 34.64
CA PHE A 48 11.65 7.45 33.53
C PHE A 48 12.85 6.53 33.31
N TYR A 49 13.38 6.51 32.09
CA TYR A 49 14.55 5.71 31.75
C TYR A 49 15.34 6.55 30.74
N ARG A 50 16.58 6.17 30.44
CA ARG A 50 17.35 6.87 29.42
C ARG A 50 17.18 6.20 28.05
N LEU A 51 16.63 6.96 27.12
CA LEU A 51 16.42 6.48 25.75
C LEU A 51 17.57 6.91 24.85
N ALA A 52 18.34 5.94 24.44
CA ALA A 52 19.45 6.15 23.52
C ALA A 52 19.57 4.96 22.58
N VAL A 53 20.12 5.22 21.38
CA VAL A 53 20.17 4.23 20.31
C VAL A 53 21.59 4.06 19.81
N GLY A 54 21.94 2.81 19.54
CA GLY A 54 23.26 2.41 19.09
C GLY A 54 23.25 1.33 18.02
N ARG A 55 24.40 1.10 17.39
CA ARG A 55 24.54 0.08 16.38
C ARG A 55 25.60 -0.92 16.89
N CYS A 56 25.27 -2.21 16.89
CA CYS A 56 26.27 -3.23 17.21
C CYS A 56 27.33 -3.23 16.10
N HIS A 57 28.61 -3.12 16.44
CA HIS A 57 29.61 -3.04 15.39
C HIS A 57 29.89 -4.37 14.71
N ALA A 58 29.49 -5.48 15.33
CA ALA A 58 29.73 -6.82 14.80
C ALA A 58 28.60 -7.30 13.90
N CYS A 59 27.37 -7.25 14.42
CA CYS A 59 26.23 -7.78 13.66
C CYS A 59 25.35 -6.70 13.03
N GLY A 60 25.66 -5.42 13.30
CA GLY A 60 24.92 -4.29 12.73
C GLY A 60 23.54 -3.97 13.33
N MET A 61 23.05 -4.78 14.27
CA MET A 61 21.71 -4.52 14.86
C MET A 61 21.66 -3.16 15.55
N VAL A 62 20.72 -2.32 15.10
CA VAL A 62 20.43 -1.05 15.76
C VAL A 62 19.38 -1.29 16.82
N GLN A 63 19.64 -0.74 18.00
CA GLN A 63 18.89 -1.10 19.18
C GLN A 63 18.99 -0.03 20.24
N LEU A 64 18.00 -0.02 21.12
CA LEU A 64 18.08 0.87 22.27
C LEU A 64 19.21 0.39 23.19
N THR A 65 19.79 1.32 23.94
CA THR A 65 20.83 0.91 24.90
C THR A 65 20.38 0.47 26.29
N GLU A 66 19.16 0.83 26.70
CA GLU A 66 18.53 0.33 27.95
C GLU A 66 17.16 -0.31 27.65
N GLU A 67 16.92 -1.52 28.14
CA GLU A 67 15.62 -2.19 28.06
C GLU A 67 14.76 -1.65 29.18
N VAL A 68 13.51 -1.35 28.86
CA VAL A 68 12.50 -1.12 29.86
C VAL A 68 11.90 -2.46 30.22
N PRO A 69 11.71 -2.74 31.53
CA PRO A 69 11.06 -3.99 31.95
C PRO A 69 9.72 -4.25 31.27
N ARG A 70 9.52 -5.45 30.72
CA ARG A 70 8.33 -5.69 29.86
C ARG A 70 6.97 -5.52 30.58
N HIS A 71 6.96 -5.78 31.89
CA HIS A 71 5.71 -5.69 32.68
C HIS A 71 5.20 -4.25 32.80
N LEU A 72 6.13 -3.29 32.78
CA LEU A 72 5.77 -1.87 32.81
C LEU A 72 5.08 -1.39 31.54
N MET A 73 5.41 -2.03 30.42
CA MET A 73 4.88 -1.62 29.12
C MET A 73 3.64 -2.41 28.73
N PHE A 74 3.67 -3.72 29.02
CA PHE A 74 2.65 -4.69 28.57
C PHE A 74 1.99 -5.28 29.83
N HIS A 75 0.78 -4.80 30.08
CA HIS A 75 0.00 -5.04 31.30
C HIS A 75 -1.51 -4.97 30.93
N GLU A 76 -2.39 -5.28 31.88
CA GLU A 76 -3.85 -5.30 31.66
C GLU A 76 -4.40 -4.06 30.95
N GLU A 77 -3.90 -2.89 31.34
CA GLU A 77 -4.45 -1.60 30.88
C GLU A 77 -3.63 -0.91 29.77
N TYR A 78 -2.80 -1.67 29.06
CA TYR A 78 -2.22 -1.21 27.77
C TYR A 78 -3.27 -0.50 26.87
N PRO A 79 -3.12 0.82 26.57
CA PRO A 79 -4.24 1.54 25.92
C PRO A 79 -4.35 1.47 24.39
N TYR A 80 -3.36 0.89 23.69
CA TYR A 80 -3.42 0.84 22.22
C TYR A 80 -4.20 -0.39 21.73
N HIS A 81 -5.41 -0.13 21.24
CA HIS A 81 -6.23 -1.14 20.58
C HIS A 81 -6.00 -0.97 19.08
N SER A 82 -5.49 -2.02 18.43
CA SER A 82 -5.15 -1.98 17.00
C SER A 82 -6.31 -1.56 16.12
N SER A 83 -7.50 -2.09 16.44
CA SER A 83 -8.69 -1.90 15.61
C SER A 83 -9.31 -0.49 15.60
N GLY A 84 -8.87 0.39 16.52
CA GLY A 84 -9.17 1.83 16.47
C GLY A 84 -8.93 2.51 15.12
N SER A 85 -7.93 2.04 14.39
CA SER A 85 -7.47 2.63 13.11
C SER A 85 -8.05 1.89 11.90
N SER A 86 -8.86 2.55 11.06
CA SER A 86 -9.45 1.86 9.88
C SER A 86 -8.49 1.40 8.76
N VAL A 87 -7.44 2.17 8.53
CA VAL A 87 -6.41 1.74 7.60
C VAL A 87 -5.76 0.45 8.10
N MET A 88 -5.62 0.27 9.41
CA MET A 88 -5.00 -0.97 9.88
C MET A 88 -6.00 -2.16 9.80
N ARG A 89 -7.28 -1.93 10.01
CA ARG A 89 -8.26 -2.99 9.80
C ARG A 89 -8.20 -3.54 8.37
N GLU A 90 -8.08 -2.65 7.41
CA GLU A 90 -7.95 -3.04 6.02
C GLU A 90 -6.65 -3.80 5.79
N HIS A 91 -5.59 -3.23 6.35
CA HIS A 91 -4.27 -3.84 6.27
C HIS A 91 -4.27 -5.28 6.79
N PHE A 92 -4.81 -5.51 8.00
CA PHE A 92 -4.76 -6.84 8.56
C PHE A 92 -5.68 -7.82 7.89
N ALA A 93 -6.80 -7.36 7.34
CA ALA A 93 -7.60 -8.24 6.50
C ALA A 93 -6.78 -8.80 5.36
N LYS A 94 -6.01 -7.95 4.71
CA LYS A 94 -5.16 -8.35 3.60
C LYS A 94 -4.00 -9.25 4.05
N VAL A 95 -3.48 -9.00 5.25
CA VAL A 95 -2.46 -9.88 5.84
C VAL A 95 -3.02 -11.29 6.00
N ALA A 96 -4.23 -11.39 6.56
CA ALA A 96 -4.88 -12.69 6.72
C ALA A 96 -4.99 -13.38 5.36
N GLN A 97 -5.41 -12.64 4.34
CA GLN A 97 -5.53 -13.22 3.00
C GLN A 97 -4.19 -13.72 2.48
N ARG A 98 -3.14 -12.93 2.67
CA ARG A 98 -1.82 -13.31 2.24
C ARG A 98 -1.37 -14.66 2.87
N LEU A 99 -1.55 -14.75 4.18
CA LEU A 99 -1.04 -15.93 4.89
C LEU A 99 -1.88 -17.16 4.49
N LEU A 100 -3.19 -16.98 4.45
CA LEU A 100 -4.11 -18.03 4.03
C LEU A 100 -3.81 -18.53 2.62
N ALA A 101 -3.40 -17.65 1.73
CA ALA A 101 -3.15 -17.95 0.31
C ALA A 101 -1.82 -18.65 0.07
N THR A 102 -0.83 -18.36 0.91
CA THR A 102 0.56 -18.63 0.56
C THR A 102 1.27 -19.57 1.55
N GLU A 103 0.84 -19.66 2.81
CA GLU A 103 1.63 -20.32 3.83
C GLU A 103 0.98 -21.49 4.59
N LEU A 104 -0.11 -22.00 4.04
CA LEU A 104 -0.86 -23.12 4.59
C LEU A 104 -0.69 -24.42 3.78
N THR A 105 -0.50 -25.52 4.51
CA THR A 105 -0.27 -26.86 3.94
C THR A 105 -1.21 -27.87 4.61
N GLY A 106 -1.85 -28.71 3.82
CA GLY A 106 -2.55 -29.89 4.33
C GLY A 106 -3.96 -29.59 4.75
N ALA A 107 -4.52 -30.49 5.56
CA ALA A 107 -5.95 -30.52 5.80
C ALA A 107 -6.29 -29.82 7.11
N ASP A 108 -5.28 -29.59 7.95
CA ASP A 108 -5.51 -28.91 9.21
C ASP A 108 -4.31 -27.96 9.49
N PRO A 109 -4.15 -26.91 8.66
CA PRO A 109 -3.03 -25.98 9.00
C PRO A 109 -3.30 -25.21 10.29
N PHE A 110 -2.29 -24.48 10.76
CA PHE A 110 -2.33 -23.84 12.07
C PHE A 110 -1.53 -22.53 12.02
N VAL A 111 -2.21 -21.44 12.31
CA VAL A 111 -1.59 -20.09 12.25
C VAL A 111 -1.44 -19.57 13.67
N VAL A 112 -0.24 -19.15 14.05
CA VAL A 112 0.01 -18.55 15.34
C VAL A 112 0.42 -17.06 15.17
N GLU A 113 -0.08 -16.19 16.05
CA GLU A 113 0.34 -14.79 16.05
C GLU A 113 0.88 -14.38 17.40
N ILE A 114 2.05 -13.77 17.42
CA ILE A 114 2.63 -13.14 18.61
C ILE A 114 2.18 -11.66 18.64
N GLY A 115 1.62 -11.20 19.76
CA GLY A 115 1.16 -9.83 19.87
C GLY A 115 -0.15 -9.53 19.18
N CYS A 116 -1.15 -10.44 19.20
CA CYS A 116 -2.35 -10.30 18.30
C CYS A 116 -3.26 -9.14 18.74
N ASN A 117 -2.96 -8.60 19.91
CA ASN A 117 -3.67 -7.41 20.40
C ASN A 117 -5.16 -7.72 20.36
N ASP A 118 -5.98 -6.81 19.87
CA ASP A 118 -7.42 -7.02 19.81
C ASP A 118 -7.92 -7.93 18.64
N GLY A 119 -7.01 -8.58 17.90
CA GLY A 119 -7.33 -9.76 17.10
C GLY A 119 -7.81 -9.46 15.70
N ILE A 120 -7.70 -8.19 15.37
CA ILE A 120 -7.70 -7.57 14.04
C ILE A 120 -7.41 -8.61 12.94
N MET A 121 -6.23 -9.26 12.95
CA MET A 121 -5.90 -10.20 11.88
C MET A 121 -6.47 -11.62 12.07
N LEU A 122 -6.32 -12.17 13.27
CA LEU A 122 -6.68 -13.55 13.49
C LEU A 122 -8.19 -13.79 13.40
N ARG A 123 -8.97 -12.73 13.61
CA ARG A 123 -10.44 -12.79 13.44
C ARG A 123 -10.71 -13.32 12.03
N ALA A 124 -10.04 -12.77 11.03
CA ALA A 124 -10.26 -13.24 9.65
C ALA A 124 -9.83 -14.67 9.50
N VAL A 125 -8.71 -15.05 10.11
CA VAL A 125 -8.24 -16.42 10.01
C VAL A 125 -9.30 -17.37 10.61
N HIS A 126 -9.84 -16.99 11.75
CA HIS A 126 -10.91 -17.72 12.43
C HIS A 126 -12.14 -17.82 11.53
N GLU A 127 -12.53 -16.68 10.97
CA GLU A 127 -13.73 -16.63 10.13
C GLU A 127 -13.60 -17.50 8.88
N ALA A 128 -12.38 -17.77 8.43
CA ALA A 128 -12.11 -18.69 7.35
C ALA A 128 -11.99 -20.14 7.79
N GLY A 129 -12.24 -20.40 9.08
CA GLY A 129 -12.23 -21.74 9.63
C GLY A 129 -10.85 -22.38 9.76
N VAL A 130 -9.81 -21.55 9.85
CA VAL A 130 -8.46 -22.08 9.99
C VAL A 130 -8.06 -21.98 11.44
N ARG A 131 -7.47 -23.08 11.93
CA ARG A 131 -7.06 -23.21 13.32
C ARG A 131 -5.97 -22.18 13.55
N HIS A 132 -6.04 -21.54 14.71
CA HIS A 132 -5.14 -20.42 14.99
C HIS A 132 -4.96 -20.32 16.50
N LEU A 133 -3.97 -19.52 16.90
CA LEU A 133 -3.80 -19.18 18.30
C LEU A 133 -2.99 -17.90 18.36
N GLY A 134 -3.41 -16.98 19.24
CA GLY A 134 -2.65 -15.77 19.57
C GLY A 134 -1.98 -15.84 20.94
N PHE A 135 -0.82 -15.16 21.05
CA PHE A 135 -0.14 -14.95 22.33
C PHE A 135 -0.22 -13.46 22.55
N GLU A 136 -0.79 -13.02 23.68
CA GLU A 136 -1.04 -11.60 23.95
C GLU A 136 -1.08 -11.41 25.46
N PRO A 137 0.05 -11.04 26.07
CA PRO A 137 0.09 -10.87 27.54
C PRO A 137 -0.65 -9.66 28.10
N SER A 138 -1.13 -8.74 27.27
CA SER A 138 -1.99 -7.65 27.76
C SER A 138 -3.48 -7.99 27.78
N ALA A 139 -4.04 -8.08 28.98
CA ALA A 139 -5.34 -8.71 29.18
C ALA A 139 -6.51 -7.95 28.53
N GLY A 140 -6.47 -6.63 28.52
CA GLY A 140 -7.61 -5.87 28.02
C GLY A 140 -7.86 -6.04 26.55
N VAL A 141 -6.78 -5.94 25.77
CA VAL A 141 -6.84 -6.18 24.33
C VAL A 141 -7.09 -7.64 24.03
N ALA A 142 -6.43 -8.53 24.74
CA ALA A 142 -6.74 -9.96 24.63
C ALA A 142 -8.23 -10.23 24.76
N GLU A 143 -8.87 -9.57 25.73
CA GLU A 143 -10.32 -9.75 25.91
C GLU A 143 -11.16 -9.36 24.68
N VAL A 144 -10.80 -8.28 24.01
CA VAL A 144 -11.55 -7.84 22.83
C VAL A 144 -11.38 -8.86 21.68
N ALA A 145 -10.14 -9.30 21.46
CA ALA A 145 -9.82 -10.45 20.58
C ALA A 145 -10.68 -11.65 20.87
N ARG A 146 -10.67 -12.07 22.12
CA ARG A 146 -11.54 -13.17 22.57
C ARG A 146 -13.02 -12.95 22.27
N SER A 147 -13.50 -11.72 22.36
CA SER A 147 -14.89 -11.39 22.07
C SER A 147 -15.21 -11.52 20.58
N ARG A 148 -14.18 -11.42 19.74
CA ARG A 148 -14.29 -11.72 18.31
C ARG A 148 -14.11 -13.19 17.89
N GLY A 149 -13.99 -14.10 18.85
CA GLY A 149 -13.92 -15.51 18.59
C GLY A 149 -12.50 -16.02 18.42
N VAL A 150 -11.50 -15.18 18.69
CA VAL A 150 -10.10 -15.60 18.55
C VAL A 150 -9.70 -16.37 19.81
N ARG A 151 -8.85 -17.36 19.64
CA ARG A 151 -8.22 -18.05 20.74
C ARG A 151 -6.93 -17.33 21.04
N VAL A 152 -6.76 -16.93 22.29
CA VAL A 152 -5.63 -16.16 22.72
C VAL A 152 -5.19 -16.59 24.12
N ARG A 153 -3.92 -16.94 24.22
CA ARG A 153 -3.26 -17.26 25.46
C ARG A 153 -2.72 -15.96 26.02
N THR A 154 -3.04 -15.65 27.27
CA THR A 154 -2.62 -14.37 27.88
C THR A 154 -1.25 -14.62 28.49
N GLU A 155 -0.26 -14.74 27.60
CA GLU A 155 1.08 -15.08 27.97
C GLU A 155 2.06 -14.56 26.93
N PHE A 156 3.30 -14.40 27.39
CA PHE A 156 4.40 -13.89 26.56
C PHE A 156 4.84 -15.08 25.71
N PHE A 157 4.93 -14.91 24.39
CA PHE A 157 5.62 -15.87 23.56
C PHE A 157 7.12 -15.82 23.84
N GLU A 158 7.64 -17.02 24.06
CA GLU A 158 9.04 -17.25 24.37
CA GLU A 158 9.04 -17.25 24.36
C GLU A 158 9.26 -18.75 24.24
N LYS A 159 10.50 -19.23 24.39
CA LYS A 159 10.79 -20.64 24.14
C LYS A 159 9.88 -21.61 24.85
N ALA A 160 9.67 -21.36 26.14
CA ALA A 160 8.96 -22.33 26.99
C ALA A 160 7.49 -22.40 26.58
N THR A 161 6.88 -21.23 26.39
CA THR A 161 5.43 -21.16 26.13
C THR A 161 5.14 -21.76 24.73
N ALA A 162 6.04 -21.48 23.79
CA ALA A 162 5.93 -22.00 22.43
C ALA A 162 6.04 -23.51 22.36
N THR A 163 7.03 -24.02 23.10
CA THR A 163 7.27 -25.46 23.20
C THR A 163 6.04 -26.21 23.76
N ALA A 164 5.49 -25.66 24.84
CA ALA A 164 4.27 -26.23 25.43
C ALA A 164 3.12 -26.28 24.42
N VAL A 165 2.93 -25.20 23.64
CA VAL A 165 1.93 -25.21 22.57
C VAL A 165 2.23 -26.20 21.46
N ARG A 166 3.50 -26.40 21.09
CA ARG A 166 3.83 -27.47 20.13
CA ARG A 166 3.82 -27.46 20.13
C ARG A 166 3.27 -28.80 20.63
N GLU A 167 3.36 -29.02 21.93
CA GLU A 167 2.97 -30.29 22.51
C GLU A 167 1.46 -30.48 22.54
N SER A 168 0.67 -29.43 22.81
CA SER A 168 -0.79 -29.55 22.81
C SER A 168 -1.44 -29.37 21.45
N GLU A 169 -0.92 -28.45 20.64
CA GLU A 169 -1.62 -28.01 19.42
C GLU A 169 -0.97 -28.53 18.15
N GLY A 170 0.27 -29.00 18.26
CA GLY A 170 0.94 -29.56 17.10
C GLY A 170 1.67 -28.45 16.34
N PRO A 171 2.22 -28.78 15.17
CA PRO A 171 3.09 -27.82 14.48
C PRO A 171 2.36 -26.66 13.83
N ALA A 172 3.01 -25.50 13.79
CA ALA A 172 2.47 -24.32 13.12
C ALA A 172 3.00 -24.15 11.70
N ASP A 173 2.13 -23.76 10.79
CA ASP A 173 2.51 -23.47 9.39
C ASP A 173 3.25 -22.11 9.32
N VAL A 174 2.84 -21.20 10.19
CA VAL A 174 3.39 -19.85 10.22
C VAL A 174 3.26 -19.27 11.62
N ILE A 175 4.26 -18.51 12.03
CA ILE A 175 4.18 -17.66 13.21
C ILE A 175 4.37 -16.25 12.68
N TYR A 176 3.34 -15.45 12.91
CA TYR A 176 3.26 -14.07 12.44
C TYR A 176 3.36 -13.08 13.61
N ALA A 177 4.02 -11.95 13.36
CA ALA A 177 4.11 -10.90 14.37
C ALA A 177 4.16 -9.54 13.67
N ALA A 178 3.26 -8.64 14.02
CA ALA A 178 3.30 -7.28 13.50
C ALA A 178 3.56 -6.32 14.65
N ASN A 179 4.56 -5.46 14.46
CA ASN A 179 4.86 -4.40 15.41
C ASN A 179 5.08 -5.01 16.78
N THR A 180 5.68 -6.21 16.81
CA THR A 180 5.86 -7.01 18.01
C THR A 180 7.26 -7.53 18.15
N MET A 181 7.81 -8.08 17.07
CA MET A 181 9.15 -8.55 17.12
C MET A 181 10.15 -7.45 17.52
N CYS A 182 9.96 -6.19 17.10
CA CYS A 182 10.92 -5.15 17.45
C CYS A 182 10.77 -4.74 18.92
N HIS A 183 9.70 -5.17 19.57
CA HIS A 183 9.43 -4.91 20.97
C HIS A 183 10.13 -5.87 21.89
N ILE A 184 10.70 -6.95 21.37
CA ILE A 184 11.13 -8.09 22.20
C ILE A 184 12.66 -8.18 22.16
N PRO A 185 13.35 -7.80 23.24
CA PRO A 185 14.81 -7.93 23.22
C PRO A 185 15.36 -9.33 23.11
N TYR A 186 14.61 -10.27 23.68
CA TYR A 186 14.99 -11.68 23.88
C TYR A 186 14.71 -12.53 22.65
N LEU A 187 15.23 -12.08 21.50
CA LEU A 187 14.97 -12.77 20.24
C LEU A 187 15.42 -14.21 20.16
N GLU A 188 16.53 -14.52 20.82
CA GLU A 188 17.03 -15.89 20.77
C GLU A 188 15.97 -16.81 21.32
N SER A 189 15.32 -16.42 22.40
CA SER A 189 14.25 -17.21 23.01
C SER A 189 13.02 -17.31 22.08
N VAL A 190 12.64 -16.22 21.43
CA VAL A 190 11.56 -16.29 20.42
C VAL A 190 11.90 -17.31 19.32
N PHE A 191 13.11 -17.23 18.74
CA PHE A 191 13.49 -18.11 17.66
C PHE A 191 13.71 -19.57 18.08
N GLN A 192 14.14 -19.80 19.33
CA GLN A 192 14.10 -21.18 19.88
C GLN A 192 12.66 -21.72 19.93
N GLY A 193 11.75 -20.85 20.39
CA GLY A 193 10.35 -21.15 20.39
C GLY A 193 9.86 -21.52 19.01
N ALA A 194 10.16 -20.65 18.05
CA ALA A 194 9.74 -20.88 16.68
C ALA A 194 10.31 -22.19 16.13
N ASP A 195 11.54 -22.52 16.48
CA ASP A 195 12.14 -23.75 16.00
C ASP A 195 11.40 -24.99 16.51
N ALA A 196 10.94 -24.93 17.76
CA ALA A 196 10.13 -25.96 18.39
C ALA A 196 8.73 -26.06 17.82
N LEU A 197 8.13 -24.92 17.52
CA LEU A 197 6.72 -24.84 17.18
C LEU A 197 6.46 -25.00 15.68
N LEU A 198 7.31 -24.43 14.84
CA LEU A 198 7.06 -24.50 13.41
C LEU A 198 7.10 -25.94 12.86
N GLY A 199 6.20 -26.22 11.93
CA GLY A 199 6.27 -27.40 11.10
C GLY A 199 7.38 -27.43 10.07
N PRO A 200 7.43 -28.49 9.26
CA PRO A 200 8.58 -28.64 8.38
C PRO A 200 8.75 -27.53 7.35
N ASP A 201 7.66 -27.00 6.84
CA ASP A 201 7.84 -25.88 5.90
CA ASP A 201 7.73 -25.90 5.88
C ASP A 201 7.38 -24.57 6.53
N GLY A 202 7.63 -24.46 7.82
CA GLY A 202 7.10 -23.34 8.58
C GLY A 202 8.02 -22.13 8.54
N VAL A 203 7.42 -20.94 8.60
CA VAL A 203 8.16 -19.67 8.58
C VAL A 203 7.73 -18.76 9.70
N VAL A 204 8.62 -17.84 10.05
CA VAL A 204 8.31 -16.71 10.93
C VAL A 204 8.18 -15.51 9.98
N VAL A 205 7.04 -14.85 10.04
CA VAL A 205 6.79 -13.63 9.22
C VAL A 205 6.52 -12.48 10.19
N PHE A 206 7.36 -11.45 10.10
CA PHE A 206 7.19 -10.32 10.99
C PHE A 206 7.40 -9.00 10.29
N GLU A 207 6.57 -8.05 10.68
CA GLU A 207 6.64 -6.71 10.10
C GLU A 207 6.79 -5.70 11.23
N ASP A 208 7.76 -4.79 11.03
CA ASP A 208 8.09 -3.74 11.98
C ASP A 208 8.60 -2.44 11.33
N PRO A 209 8.63 -1.36 12.09
CA PRO A 209 9.14 -0.09 11.54
C PRO A 209 10.56 -0.29 10.97
N TYR A 210 10.77 0.18 9.75
CA TYR A 210 12.00 -0.11 9.04
C TYR A 210 13.04 0.98 9.30
N LEU A 211 14.23 0.60 9.75
CA LEU A 211 15.33 1.56 9.90
C LEU A 211 15.59 2.48 8.70
N GLY A 212 15.49 1.93 7.50
CA GLY A 212 15.69 2.72 6.29
C GLY A 212 14.76 3.92 6.15
N ASP A 213 13.47 3.70 6.47
CA ASP A 213 12.48 4.75 6.48
C ASP A 213 12.74 5.78 7.58
N ILE A 214 13.10 5.30 8.77
CA ILE A 214 13.37 6.19 9.88
C ILE A 214 14.51 7.15 9.50
N VAL A 215 15.60 6.62 8.93
CA VAL A 215 16.75 7.45 8.55
C VAL A 215 16.38 8.40 7.40
N ALA A 216 15.65 7.90 6.42
CA ALA A 216 15.25 8.73 5.28
C ALA A 216 14.27 9.84 5.64
N LYS A 217 13.40 9.60 6.63
CA LYS A 217 12.35 10.55 6.96
C LYS A 217 12.68 11.36 8.20
N THR A 218 13.86 11.12 8.77
CA THR A 218 14.17 11.61 10.12
C THR A 218 13.03 11.39 11.12
N SER A 219 12.38 10.24 11.06
CA SER A 219 11.24 9.94 11.92
C SER A 219 11.66 9.34 13.28
N PHE A 220 12.39 10.15 14.03
CA PHE A 220 12.94 9.78 15.33
C PHE A 220 11.85 9.49 16.37
N ASP A 221 10.63 10.01 16.18
CA ASP A 221 9.54 9.66 17.09
C ASP A 221 9.16 8.18 17.00
N GLN A 222 9.69 7.49 15.99
CA GLN A 222 9.58 6.04 16.00
C GLN A 222 10.52 5.35 17.00
N ILE A 223 11.38 6.10 17.66
CA ILE A 223 12.26 5.55 18.69
C ILE A 223 11.63 5.87 20.06
N TYR A 224 11.15 4.84 20.73
CA TYR A 224 10.53 4.95 22.06
C TYR A 224 10.58 3.59 22.70
N ASP A 225 10.12 3.49 23.94
CA ASP A 225 10.30 2.30 24.76
C ASP A 225 9.96 0.95 24.11
N GLU A 226 8.85 0.92 23.40
CA GLU A 226 8.37 -0.31 22.76
C GLU A 226 9.13 -0.66 21.51
N HIS A 227 9.93 0.24 20.96
CA HIS A 227 10.72 -0.11 19.78
C HIS A 227 12.17 -0.35 20.12
N PHE A 228 12.45 -1.55 20.62
CA PHE A 228 13.79 -1.86 21.10
C PHE A 228 14.77 -2.02 19.94
N TYR A 229 14.33 -2.67 18.87
CA TYR A 229 15.13 -2.86 17.69
C TYR A 229 14.61 -2.02 16.52
N LEU A 230 15.51 -1.43 15.74
CA LEU A 230 15.14 -0.80 14.46
C LEU A 230 15.73 -1.69 13.35
N PHE A 231 14.93 -2.65 12.91
CA PHE A 231 15.39 -3.69 11.99
C PHE A 231 15.70 -3.13 10.59
N SER A 232 16.71 -3.74 9.97
CA SER A 232 16.94 -3.60 8.54
C SER A 232 17.07 -5.03 7.97
N ALA A 233 17.13 -5.13 6.65
CA ALA A 233 17.32 -6.43 6.04
C ALA A 233 18.70 -6.97 6.41
N GLY A 234 19.71 -6.09 6.46
CA GLY A 234 21.05 -6.49 6.88
C GLY A 234 21.10 -7.09 8.28
N SER A 235 20.48 -6.42 9.23
CA SER A 235 20.51 -6.91 10.60
C SER A 235 19.66 -8.16 10.83
N VAL A 236 18.50 -8.23 10.17
CA VAL A 236 17.63 -9.38 10.25
C VAL A 236 18.31 -10.60 9.63
N ALA A 237 19.03 -10.41 8.54
CA ALA A 237 19.65 -11.55 7.87
C ALA A 237 20.74 -12.11 8.78
N ALA A 238 21.49 -11.24 9.44
CA ALA A 238 22.50 -11.65 10.38
C ALA A 238 21.89 -12.28 11.62
N MET A 239 20.81 -11.71 12.16
CA MET A 239 20.19 -12.28 13.33
C MET A 239 19.61 -13.68 13.00
N ALA A 240 19.02 -13.85 11.82
CA ALA A 240 18.36 -15.09 11.45
C ALA A 240 19.44 -16.17 11.46
N GLU A 241 20.51 -15.87 10.74
CA GLU A 241 21.61 -16.81 10.64
C GLU A 241 22.12 -17.26 11.99
N ARG A 242 22.35 -16.34 12.90
CA ARG A 242 22.80 -16.69 14.25
CA ARG A 242 22.80 -16.69 14.24
C ARG A 242 21.91 -17.76 14.89
N PHE A 243 20.60 -17.65 14.65
CA PHE A 243 19.64 -18.51 15.31
C PHE A 243 19.23 -19.71 14.44
N GLY A 244 19.94 -19.93 13.34
CA GLY A 244 19.71 -21.07 12.46
C GLY A 244 18.53 -20.92 11.55
N PHE A 245 18.11 -19.67 11.37
CA PHE A 245 17.13 -19.31 10.38
C PHE A 245 17.82 -18.56 9.23
N GLU A 246 17.02 -18.09 8.27
CA GLU A 246 17.56 -17.49 7.07
C GLU A 246 16.49 -16.51 6.57
N LEU A 247 16.94 -15.28 6.26
CA LEU A 247 16.03 -14.32 5.59
C LEU A 247 15.78 -14.68 4.14
N VAL A 248 14.54 -15.07 3.86
CA VAL A 248 14.18 -15.58 2.53
C VAL A 248 13.19 -14.74 1.74
N ASP A 249 12.60 -13.73 2.35
CA ASP A 249 11.77 -12.76 1.63
C ASP A 249 11.62 -11.48 2.45
N VAL A 250 11.47 -10.38 1.73
CA VAL A 250 11.24 -9.06 2.30
C VAL A 250 10.19 -8.38 1.43
N GLU A 251 9.41 -7.53 2.07
CA GLU A 251 8.46 -6.69 1.37
C GLU A 251 8.30 -5.35 2.07
N ARG A 252 8.42 -4.24 1.36
CA ARG A 252 8.17 -2.95 1.99
C ARG A 252 6.65 -2.73 2.15
N LEU A 253 6.24 -2.21 3.30
CA LEU A 253 4.86 -1.78 3.56
C LEU A 253 4.76 -0.31 3.94
N PRO A 254 3.67 0.37 3.52
CA PRO A 254 3.64 1.83 3.75
C PRO A 254 3.12 2.24 5.17
N VAL A 255 2.60 1.27 5.91
CA VAL A 255 1.92 1.47 7.18
C VAL A 255 2.90 1.96 8.23
N HIS A 256 2.35 2.59 9.28
CA HIS A 256 3.11 3.07 10.42
C HIS A 256 4.36 3.82 10.06
N GLY A 257 4.31 4.65 9.02
CA GLY A 257 5.43 5.44 8.57
C GLY A 257 6.53 4.72 7.78
N GLY A 258 6.36 3.43 7.51
CA GLY A 258 7.26 2.72 6.63
C GLY A 258 7.84 1.49 7.38
N GLU A 259 7.50 0.32 6.87
CA GLU A 259 7.87 -0.96 7.48
C GLU A 259 8.45 -1.91 6.43
N VAL A 260 9.08 -2.99 6.90
CA VAL A 260 9.43 -4.15 6.12
C VAL A 260 8.88 -5.36 6.83
N ARG A 261 8.35 -6.23 5.98
CA ARG A 261 7.91 -7.57 6.36
C ARG A 261 8.98 -8.54 5.93
N TYR A 262 9.47 -9.28 6.92
CA TYR A 262 10.59 -10.22 6.78
C TYR A 262 9.97 -11.62 6.92
N THR A 263 10.42 -12.52 6.05
CA THR A 263 10.08 -13.94 6.13
C THR A 263 11.39 -14.70 6.42
N LEU A 264 11.39 -15.46 7.52
CA LEU A 264 12.51 -16.28 7.97
C LEU A 264 12.10 -17.78 7.94
N ALA A 265 12.94 -18.58 7.33
CA ALA A 265 12.76 -20.02 7.23
C ALA A 265 13.96 -20.63 7.93
N ARG A 266 13.88 -21.89 8.32
CA ARG A 266 15.07 -22.53 8.85
C ARG A 266 16.10 -22.54 7.73
N ARG A 267 17.36 -22.41 8.11
CA ARG A 267 18.45 -22.30 7.17
C ARG A 267 18.48 -23.47 6.22
N GLY A 268 18.62 -23.16 4.94
CA GLY A 268 18.57 -24.18 3.93
C GLY A 268 17.23 -24.60 3.39
N ALA A 269 16.12 -24.25 4.04
CA ALA A 269 14.82 -24.80 3.66
C ALA A 269 14.24 -24.19 2.41
N ARG A 270 14.54 -22.91 2.18
CA ARG A 270 13.99 -22.17 1.07
C ARG A 270 15.07 -21.36 0.42
N THR A 271 14.82 -21.02 -0.84
CA THR A 271 15.69 -20.15 -1.61
C THR A 271 15.30 -18.68 -1.41
N PRO A 272 16.23 -17.85 -0.94
CA PRO A 272 15.81 -16.45 -0.76
C PRO A 272 15.30 -15.84 -2.05
N THR A 273 14.19 -15.12 -2.02
CA THR A 273 13.72 -14.36 -3.17
C THR A 273 14.69 -13.27 -3.59
N GLU A 274 14.53 -12.80 -4.83
CA GLU A 274 15.33 -11.72 -5.37
C GLU A 274 15.12 -10.40 -4.63
N ALA A 275 13.92 -10.20 -4.10
CA ALA A 275 13.63 -9.04 -3.25
C ALA A 275 14.67 -8.83 -2.13
N VAL A 276 15.21 -9.91 -1.59
CA VAL A 276 16.10 -9.82 -0.44
C VAL A 276 17.39 -9.08 -0.83
N GLY A 277 18.01 -9.54 -1.91
CA GLY A 277 19.21 -8.89 -2.42
C GLY A 277 18.98 -7.46 -2.89
N ARG A 278 17.83 -7.23 -3.52
CA ARG A 278 17.49 -5.89 -3.97
C ARG A 278 17.40 -4.93 -2.79
N LEU A 279 16.74 -5.35 -1.69
CA LEU A 279 16.67 -4.46 -0.53
C LEU A 279 18.02 -4.28 0.12
N LEU A 280 18.83 -5.32 0.18
CA LEU A 280 20.17 -5.12 0.65
C LEU A 280 20.94 -4.09 -0.18
N ALA A 281 20.79 -4.11 -1.49
CA ALA A 281 21.48 -3.12 -2.33
C ALA A 281 21.01 -1.70 -2.06
N GLU A 282 19.70 -1.55 -1.89
CA GLU A 282 19.13 -0.30 -1.43
C GLU A 282 19.75 0.21 -0.13
N GLU A 283 19.96 -0.69 0.84
CA GLU A 283 20.57 -0.33 2.12
C GLU A 283 22.01 0.09 1.93
N ARG A 284 22.70 -0.61 1.04
CA ARG A 284 24.04 -0.20 0.68
C ARG A 284 24.06 1.19 0.00
N GLU A 285 23.14 1.45 -0.93
CA GLU A 285 23.03 2.79 -1.52
C GLU A 285 22.80 3.88 -0.49
N GLN A 286 21.93 3.57 0.47
CA GLN A 286 21.60 4.52 1.50
C GLN A 286 22.74 4.72 2.51
N GLY A 287 23.70 3.77 2.52
CA GLY A 287 24.82 3.75 3.43
C GLY A 287 24.32 3.44 4.82
N LEU A 288 23.34 2.55 4.91
CA LEU A 288 22.62 2.35 6.15
C LEU A 288 23.48 1.70 7.19
N ASP A 289 24.44 0.91 6.73
CA ASP A 289 25.35 0.20 7.62
C ASP A 289 26.60 0.94 7.98
N ASP A 290 26.73 2.18 7.52
CA ASP A 290 27.89 3.02 7.86
CA ASP A 290 27.86 3.05 7.81
C ASP A 290 27.44 3.80 9.08
N LEU A 291 28.16 3.62 10.17
CA LEU A 291 27.81 4.35 11.40
C LEU A 291 27.75 5.85 11.12
N ALA A 292 28.53 6.35 10.18
CA ALA A 292 28.47 7.76 9.80
C ALA A 292 27.09 8.24 9.33
N THR A 293 26.39 7.42 8.55
CA THR A 293 25.04 7.71 8.09
C THR A 293 24.09 7.85 9.27
N LEU A 294 24.33 7.03 10.27
CA LEU A 294 23.52 7.07 11.49
C LEU A 294 23.84 8.29 12.33
N ARG A 295 25.11 8.69 12.39
CA ARG A 295 25.44 9.98 13.00
C ARG A 295 24.84 11.17 12.27
N THR A 296 24.78 11.15 10.93
CA THR A 296 24.12 12.22 10.17
C THR A 296 22.62 12.32 10.52
N PHE A 297 21.98 11.16 10.61
CA PHE A 297 20.59 11.05 11.09
C PHE A 297 20.46 11.71 12.46
N ALA A 298 21.40 11.47 13.37
CA ALA A 298 21.28 11.98 14.73
C ALA A 298 21.42 13.48 14.70
N ALA A 299 22.26 13.98 13.81
CA ALA A 299 22.38 15.41 13.65
C ALA A 299 21.09 16.01 13.06
N ASN A 300 20.44 15.34 12.10
CA ASN A 300 19.20 15.84 11.53
C ASN A 300 18.10 15.85 12.61
N VAL A 301 18.14 14.87 13.51
CA VAL A 301 17.18 14.83 14.65
C VAL A 301 17.32 16.09 15.51
N HIS A 302 18.56 16.42 15.85
CA HIS A 302 18.82 17.62 16.60
C HIS A 302 18.38 18.90 15.90
N THR A 303 18.47 18.92 14.57
CA THR A 303 18.01 20.08 13.80
C THR A 303 16.47 20.20 13.86
N VAL A 304 15.79 19.05 13.73
CA VAL A 304 14.33 19.05 13.81
C VAL A 304 13.92 19.58 15.18
N ARG A 305 14.57 19.13 16.24
CA ARG A 305 14.21 19.61 17.59
C ARG A 305 14.35 21.15 17.61
N ASP A 306 15.51 21.61 17.18
CA ASP A 306 15.79 23.03 17.22
C ASP A 306 14.75 23.85 16.45
N GLU A 307 14.39 23.42 15.24
CA GLU A 307 13.44 24.15 14.43
C GLU A 307 12.01 24.07 14.94
N LEU A 308 11.65 22.91 15.48
CA LEU A 308 10.32 22.73 16.03
C LEU A 308 10.12 23.59 17.31
N VAL A 309 11.09 23.57 18.22
CA VAL A 309 11.01 24.40 19.44
C VAL A 309 11.00 25.88 19.05
N ALA A 310 11.78 26.27 18.05
CA ALA A 310 11.89 27.68 17.69
C ALA A 310 10.54 28.10 17.15
N LEU A 311 9.91 27.22 16.35
CA LEU A 311 8.64 27.52 15.72
C LEU A 311 7.56 27.68 16.80
N LEU A 312 7.45 26.72 17.69
CA LEU A 312 6.43 26.76 18.73
C LEU A 312 6.63 27.95 19.69
N THR A 313 7.88 28.27 19.95
CA THR A 313 8.23 29.42 20.76
C THR A 313 7.79 30.74 20.10
N ARG A 314 8.04 30.90 18.79
CA ARG A 314 7.53 32.05 18.06
CA ARG A 314 7.54 32.05 18.06
C ARG A 314 6.02 32.12 18.08
N LEU A 315 5.36 30.99 17.78
CA LEU A 315 3.92 31.05 17.73
C LEU A 315 3.32 31.44 19.06
N ARG A 316 3.89 30.92 20.14
CA ARG A 316 3.49 31.30 21.50
C ARG A 316 3.65 32.83 21.68
N ALA A 317 4.81 33.34 21.29
CA ALA A 317 5.09 34.80 21.40
C ALA A 317 4.09 35.64 20.62
N GLU A 318 3.56 35.09 19.53
CA GLU A 318 2.54 35.76 18.71
C GLU A 318 1.11 35.68 19.24
N GLY A 319 0.95 35.02 20.39
CA GLY A 319 -0.37 34.87 20.97
C GLY A 319 -1.31 33.90 20.27
N HIS A 320 -0.77 32.97 19.49
CA HIS A 320 -1.57 31.98 18.79
C HIS A 320 -1.88 30.84 19.70
N ARG A 321 -2.97 30.14 19.41
CA ARG A 321 -3.36 28.93 20.11
C ARG A 321 -2.85 27.74 19.29
N VAL A 322 -2.06 26.88 19.93
CA VAL A 322 -1.47 25.72 19.31
C VAL A 322 -1.92 24.47 20.04
N VAL A 323 -2.45 23.50 19.32
CA VAL A 323 -2.88 22.27 19.95
C VAL A 323 -2.26 21.09 19.22
N GLY A 324 -2.10 19.97 19.92
CA GLY A 324 -1.59 18.79 19.29
C GLY A 324 -2.74 17.93 18.76
N TYR A 325 -2.48 17.17 17.71
CA TYR A 325 -3.48 16.32 17.07
C TYR A 325 -2.97 14.89 17.01
N GLY A 326 -3.56 14.07 17.87
CA GLY A 326 -3.26 12.66 18.08
C GLY A 326 -2.28 12.50 19.22
N ALA A 327 -2.72 11.88 20.30
CA ALA A 327 -1.90 11.58 21.43
C ALA A 327 -1.15 10.27 21.22
N THR A 328 -0.25 10.27 20.25
CA THR A 328 0.35 9.04 19.81
C THR A 328 1.37 8.56 20.86
N ALA A 329 1.68 7.25 20.86
CA ALA A 329 2.83 6.76 21.62
C ALA A 329 4.13 7.48 21.23
N LYS A 330 4.38 7.57 19.93
CA LYS A 330 5.52 8.26 19.40
C LYS A 330 5.71 9.69 19.97
N SER A 331 4.59 10.39 20.18
CA SER A 331 4.65 11.78 20.58
C SER A 331 5.42 11.97 21.90
N ALA A 332 5.46 10.98 22.78
CA ALA A 332 6.21 11.10 24.05
C ALA A 332 7.67 11.40 23.74
N THR A 333 8.23 10.80 22.68
CA THR A 333 9.62 11.05 22.40
C THR A 333 9.85 12.51 21.98
N VAL A 334 8.93 13.01 21.17
CA VAL A 334 8.97 14.41 20.72
C VAL A 334 8.88 15.40 21.88
N THR A 335 7.83 15.24 22.68
CA THR A 335 7.60 16.26 23.67
C THR A 335 8.76 16.24 24.67
N ASN A 336 9.23 15.07 25.07
CA ASN A 336 10.22 14.95 26.12
C ASN A 336 11.59 15.38 25.60
N PHE A 337 11.95 14.91 24.41
CA PHE A 337 13.26 15.27 23.84
C PHE A 337 13.30 16.77 23.57
N CYS A 338 12.21 17.32 23.02
CA CYS A 338 12.18 18.73 22.69
C CYS A 338 11.81 19.69 23.81
N GLY A 339 11.40 19.20 24.97
CA GLY A 339 10.98 20.08 26.04
C GLY A 339 9.68 20.81 25.78
N ILE A 340 8.71 20.13 25.16
CA ILE A 340 7.43 20.74 24.81
C ILE A 340 6.42 20.45 25.88
N GLY A 341 6.09 21.50 26.64
CA GLY A 341 5.05 21.42 27.67
C GLY A 341 3.82 22.23 27.30
N PRO A 342 2.90 22.38 28.25
CA PRO A 342 1.62 23.04 27.97
C PRO A 342 1.76 24.50 27.59
N ASP A 343 2.86 25.15 27.98
CA ASP A 343 3.08 26.53 27.55
CA ASP A 343 3.25 26.50 27.55
C ASP A 343 3.26 26.64 26.02
N LEU A 344 3.70 25.56 25.35
CA LEU A 344 3.94 25.58 23.91
C LEU A 344 2.85 24.85 23.09
N VAL A 345 2.19 23.87 23.72
CA VAL A 345 1.11 23.10 23.09
C VAL A 345 0.11 22.91 24.19
N SER A 346 -1.00 23.62 24.07
CA SER A 346 -1.95 23.76 25.18
C SER A 346 -2.59 22.45 25.60
N PHE A 347 -2.97 21.66 24.61
CA PHE A 347 -3.57 20.35 24.82
C PHE A 347 -3.47 19.50 23.57
N VAL A 348 -3.79 18.21 23.68
CA VAL A 348 -3.75 17.32 22.51
C VAL A 348 -5.12 16.66 22.38
N CYS A 349 -5.63 16.67 21.16
CA CYS A 349 -6.91 16.06 20.85
CA CYS A 349 -6.92 16.07 20.88
C CYS A 349 -6.70 14.64 20.41
N ASP A 350 -7.55 13.74 20.87
CA ASP A 350 -7.38 12.31 20.59
C ASP A 350 -8.71 11.61 20.68
N THR A 351 -8.90 10.64 19.79
CA THR A 351 -10.16 9.86 19.76
C THR A 351 -10.21 8.65 20.70
N THR A 352 -9.10 8.38 21.40
CA THR A 352 -9.03 7.17 22.22
C THR A 352 -9.62 7.42 23.63
N PRO A 353 -10.75 6.77 23.95
CA PRO A 353 -11.42 7.12 25.21
C PRO A 353 -10.55 7.06 26.47
N GLY A 354 -9.74 6.02 26.59
CA GLY A 354 -8.83 5.87 27.70
C GLY A 354 -7.68 6.85 27.74
N LYS A 355 -7.29 7.46 26.62
CA LYS A 355 -6.28 8.53 26.67
C LYS A 355 -6.86 9.87 27.09
N GLN A 356 -8.14 10.08 26.82
CA GLN A 356 -8.81 11.32 27.12
C GLN A 356 -8.89 11.60 28.62
N HIS A 357 -8.87 12.87 28.96
CA HIS A 357 -8.96 13.37 30.34
C HIS A 357 -7.81 12.87 31.22
N ARG A 358 -6.68 12.60 30.59
CA ARG A 358 -5.43 12.27 31.25
C ARG A 358 -4.30 13.17 30.70
N LEU A 359 -3.11 13.06 31.26
CA LEU A 359 -1.99 13.90 30.89
C LEU A 359 -1.00 13.03 30.15
N THR A 360 -0.43 13.60 29.10
CA THR A 360 0.55 12.84 28.31
C THR A 360 1.84 12.50 29.08
N PRO A 361 2.49 11.40 28.66
CA PRO A 361 3.65 10.97 29.41
C PRO A 361 4.77 12.01 29.49
N GLY A 362 5.32 12.18 30.69
CA GLY A 362 6.49 13.02 30.89
C GLY A 362 6.30 14.52 30.86
N LYS A 363 5.71 15.07 29.79
CA LYS A 363 5.46 16.51 29.62
C LYS A 363 4.03 16.94 30.01
N HIS A 364 3.12 15.99 30.24
CA HIS A 364 1.80 16.22 30.84
C HIS A 364 0.89 17.19 30.10
N LEU A 365 0.86 17.09 28.78
CA LEU A 365 -0.10 17.87 28.03
C LEU A 365 -1.46 17.26 28.30
N PRO A 366 -2.47 18.09 28.60
CA PRO A 366 -3.80 17.52 28.74
C PRO A 366 -4.32 16.92 27.43
N VAL A 367 -4.93 15.75 27.53
CA VAL A 367 -5.56 15.11 26.39
C VAL A 367 -7.07 15.40 26.46
N ARG A 368 -7.59 15.89 25.37
CA ARG A 368 -9.03 16.16 25.23
C ARG A 368 -9.60 15.36 24.07
N PRO A 369 -10.91 15.13 24.07
CA PRO A 369 -11.53 14.44 22.95
C PRO A 369 -11.44 15.21 21.65
N ALA A 370 -11.57 14.50 20.52
CA ALA A 370 -11.50 15.16 19.24
C ALA A 370 -12.50 16.30 19.08
N GLU A 371 -13.69 16.22 19.67
CA GLU A 371 -14.65 17.34 19.58
C GLU A 371 -14.09 18.66 20.09
N ALA A 372 -13.18 18.60 21.06
CA ALA A 372 -12.56 19.82 21.59
C ALA A 372 -11.73 20.63 20.59
N PHE A 373 -11.33 20.02 19.48
CA PHE A 373 -10.58 20.73 18.45
C PHE A 373 -11.31 21.95 17.87
N ALA A 374 -12.64 21.85 17.86
CA ALA A 374 -13.51 22.80 17.23
C ALA A 374 -14.07 23.83 18.18
N ASP A 375 -13.72 23.79 19.45
CA ASP A 375 -14.42 24.62 20.40
C ASP A 375 -13.54 25.62 21.17
N PRO A 376 -13.04 26.71 20.56
CA PRO A 376 -13.06 27.00 19.13
C PRO A 376 -11.87 26.39 18.40
N TYR A 377 -11.82 26.44 17.09
CA TYR A 377 -10.64 25.95 16.40
C TYR A 377 -9.40 26.75 16.79
N PRO A 378 -8.28 26.04 16.94
CA PRO A 378 -7.00 26.71 17.21
C PRO A 378 -6.44 27.37 15.96
N ASP A 379 -5.37 28.13 16.14
CA ASP A 379 -4.63 28.64 15.01
C ASP A 379 -3.70 27.64 14.32
N TYR A 380 -3.08 26.79 15.13
CA TYR A 380 -2.12 25.80 14.64
C TYR A 380 -2.42 24.46 15.28
N ALA A 381 -2.25 23.42 14.48
CA ALA A 381 -2.38 22.05 14.96
C ALA A 381 -1.08 21.31 14.67
N LEU A 382 -0.44 20.86 15.75
CA LEU A 382 0.80 20.10 15.60
C LEU A 382 0.42 18.65 15.36
N LEU A 383 0.72 18.15 14.18
CA LEU A 383 0.23 16.81 13.80
C LEU A 383 1.18 15.72 14.28
N PHE A 384 0.94 15.15 15.44
CA PHE A 384 1.66 13.97 15.90
C PHE A 384 1.21 12.73 15.10
N ALA A 385 -0.06 12.64 14.74
CA ALA A 385 -0.56 11.50 13.99
C ALA A 385 -0.22 11.62 12.49
N TRP A 386 1.05 11.80 12.19
CA TRP A 386 1.54 12.16 10.85
C TRP A 386 1.40 11.01 9.83
N ASN A 387 1.30 9.78 10.28
CA ASN A 387 1.07 8.72 9.30
C ASN A 387 -0.36 8.71 8.82
N HIS A 388 -1.22 9.50 9.46
CA HIS A 388 -2.59 9.69 9.01
C HIS A 388 -2.88 11.09 8.47
N ALA A 389 -1.84 11.78 8.00
CA ALA A 389 -1.94 13.16 7.56
C ALA A 389 -3.02 13.45 6.52
N ASP A 390 -3.10 12.64 5.46
CA ASP A 390 -4.14 12.90 4.47
C ASP A 390 -5.54 12.76 5.08
N GLU A 391 -5.81 11.65 5.77
CA GLU A 391 -7.11 11.43 6.32
C GLU A 391 -7.54 12.56 7.26
N ILE A 392 -6.60 13.00 8.11
CA ILE A 392 -6.89 14.08 9.07
C ILE A 392 -7.08 15.44 8.41
N MET A 393 -6.14 15.81 7.55
CA MET A 393 -6.20 17.12 6.90
C MET A 393 -7.42 17.22 5.98
N ALA A 394 -7.75 16.13 5.32
CA ALA A 394 -8.94 16.10 4.45
C ALA A 394 -10.21 16.30 5.27
N LYS A 395 -10.35 15.58 6.37
CA LYS A 395 -11.61 15.70 7.11
C LYS A 395 -11.80 16.98 7.90
N GLU A 396 -10.73 17.62 8.38
CA GLU A 396 -10.82 18.85 9.16
C GLU A 396 -10.93 20.12 8.29
N GLN A 397 -12.01 20.19 7.50
CA GLN A 397 -12.24 21.29 6.55
C GLN A 397 -12.52 22.62 7.24
N GLU A 398 -13.31 22.57 8.32
CA GLU A 398 -13.72 23.80 9.01
C GLU A 398 -12.51 24.48 9.67
N PHE A 399 -11.59 23.66 10.18
CA PHE A 399 -10.32 24.17 10.71
C PHE A 399 -9.63 25.02 9.67
N ARG A 400 -9.49 24.48 8.47
CA ARG A 400 -8.78 25.15 7.42
C ARG A 400 -9.55 26.37 6.91
N GLN A 401 -10.87 26.26 6.86
CA GLN A 401 -11.70 27.40 6.51
C GLN A 401 -11.58 28.55 7.49
N ALA A 402 -11.34 28.25 8.77
CA ALA A 402 -11.19 29.30 9.77
C ALA A 402 -9.79 29.92 9.81
N GLY A 403 -8.96 29.53 8.84
CA GLY A 403 -7.55 29.89 8.76
C GLY A 403 -6.54 29.01 9.47
N GLY A 404 -6.95 27.86 9.98
CA GLY A 404 -6.02 26.97 10.66
C GLY A 404 -4.85 26.49 9.82
N ARG A 405 -3.71 26.29 10.45
CA ARG A 405 -2.50 25.81 9.77
CA ARG A 405 -2.52 25.78 9.77
C ARG A 405 -1.99 24.56 10.50
N TRP A 406 -1.44 23.62 9.74
CA TRP A 406 -0.92 22.37 10.26
C TRP A 406 0.57 22.53 10.43
N ILE A 407 1.09 22.03 11.55
CA ILE A 407 2.52 21.92 11.78
C ILE A 407 2.93 20.44 11.69
N LEU A 408 3.84 20.16 10.79
CA LEU A 408 4.40 18.81 10.59
C LEU A 408 5.90 18.84 10.94
N TYR A 409 6.45 17.73 11.41
CA TYR A 409 7.87 17.66 11.76
C TYR A 409 8.58 16.48 11.09
N VAL A 410 7.86 15.73 10.27
CA VAL A 410 8.38 14.66 9.45
C VAL A 410 8.05 14.95 7.98
N PRO A 411 9.03 14.96 7.07
CA PRO A 411 10.43 14.62 7.31
C PRO A 411 11.21 15.82 7.74
N GLU A 412 10.56 16.98 7.84
CA GLU A 412 11.20 18.18 8.39
C GLU A 412 10.09 19.10 8.93
N VAL A 413 10.49 20.12 9.68
CA VAL A 413 9.55 21.07 10.24
C VAL A 413 8.97 21.97 9.16
N ARG A 414 7.65 21.97 9.03
CA ARG A 414 7.00 22.84 8.10
C ARG A 414 5.54 23.11 8.49
N VAL A 415 5.03 24.21 7.99
CA VAL A 415 3.68 24.69 8.28
C VAL A 415 2.91 24.59 6.97
N LEU A 416 1.78 23.89 6.99
CA LEU A 416 0.97 23.68 5.80
C LEU A 416 -0.46 24.19 5.96
N ALA B 13 1.71 3.92 -39.94
CA ALA B 13 1.53 3.86 -38.46
C ALA B 13 2.09 5.12 -37.79
N ARG B 14 1.16 6.00 -37.38
CA ARG B 14 1.48 7.37 -37.01
C ARG B 14 1.12 7.63 -35.55
N CYS B 15 1.98 8.37 -34.86
CA CYS B 15 1.83 8.57 -33.44
C CYS B 15 0.59 9.44 -33.20
N ARG B 16 -0.28 8.99 -32.31
CA ARG B 16 -1.46 9.82 -31.98
C ARG B 16 -1.17 11.02 -31.10
N VAL B 17 0.05 11.15 -30.58
CA VAL B 17 0.43 12.37 -29.84
C VAL B 17 1.12 13.34 -30.80
N CYS B 18 2.19 12.91 -31.48
CA CYS B 18 3.03 13.85 -32.20
C CYS B 18 3.00 13.68 -33.72
N GLY B 19 2.37 12.62 -34.20
CA GLY B 19 2.24 12.36 -35.61
C GLY B 19 3.43 11.71 -36.30
N ASP B 20 4.56 11.51 -35.61
CA ASP B 20 5.71 10.84 -36.23
C ASP B 20 5.44 9.34 -36.39
N THR B 21 6.44 8.58 -36.85
CA THR B 21 6.24 7.17 -37.12
C THR B 21 6.42 6.28 -35.91
N VAL B 22 5.53 5.29 -35.82
CA VAL B 22 5.48 4.30 -34.75
C VAL B 22 6.03 2.95 -35.18
N ASP B 23 6.98 2.44 -34.40
CA ASP B 23 7.57 1.13 -34.71
C ASP B 23 6.90 0.04 -33.89
N GLU B 24 6.23 -0.88 -34.57
CA GLU B 24 5.53 -1.98 -33.91
C GLU B 24 6.49 -3.01 -33.32
N PHE B 25 6.27 -3.45 -32.08
CA PHE B 25 7.17 -4.47 -31.50
C PHE B 25 6.45 -5.71 -30.99
N LEU B 26 5.12 -5.66 -30.92
CA LEU B 26 4.35 -6.84 -30.48
C LEU B 26 3.02 -6.94 -31.19
N ASP B 27 2.75 -8.11 -31.75
CA ASP B 27 1.51 -8.32 -32.50
C ASP B 27 0.75 -9.42 -31.79
N LEU B 28 -0.38 -9.06 -31.19
CA LEU B 28 -1.14 -9.99 -30.39
C LEU B 28 -2.32 -10.55 -31.19
N GLY B 29 -2.29 -10.31 -32.50
CA GLY B 29 -3.12 -11.03 -33.45
C GLY B 29 -4.52 -10.49 -33.43
N ARG B 30 -5.44 -11.23 -34.05
CA ARG B 30 -6.85 -10.84 -34.10
C ARG B 30 -7.49 -11.01 -32.73
N GLN B 31 -8.19 -9.98 -32.27
CA GLN B 31 -8.80 -9.95 -30.96
C GLN B 31 -10.23 -9.41 -30.97
N PRO B 32 -11.06 -9.91 -30.05
CA PRO B 32 -12.38 -9.38 -29.87
C PRO B 32 -12.41 -8.15 -28.97
N LEU B 33 -13.59 -7.55 -28.86
CA LEU B 33 -13.88 -6.57 -27.82
C LEU B 33 -13.86 -7.24 -26.45
N SER B 34 -13.17 -6.62 -25.49
CA SER B 34 -12.77 -7.30 -24.25
C SER B 34 -13.92 -7.49 -23.30
N ASP B 35 -14.95 -6.68 -23.43
CA ASP B 35 -16.12 -6.79 -22.54
C ASP B 35 -17.39 -7.21 -23.32
N ARG B 36 -17.24 -7.78 -24.52
CA ARG B 36 -18.38 -8.20 -25.34
C ARG B 36 -18.58 -9.71 -25.17
N PHE B 37 -19.20 -10.04 -24.05
CA PHE B 37 -19.58 -11.40 -23.68
C PHE B 37 -20.89 -11.82 -24.34
N LEU B 38 -20.83 -12.94 -25.04
CA LEU B 38 -21.88 -13.37 -25.97
C LEU B 38 -22.88 -14.34 -25.31
N THR B 39 -24.15 -14.20 -25.68
CA THR B 39 -25.13 -15.26 -25.41
C THR B 39 -24.94 -16.33 -26.48
N PRO B 40 -25.35 -17.57 -26.19
CA PRO B 40 -24.81 -18.66 -26.99
C PRO B 40 -25.23 -18.64 -28.46
N ALA B 41 -26.32 -17.95 -28.77
CA ALA B 41 -26.81 -17.83 -30.15
C ALA B 41 -26.57 -16.46 -30.80
N ASP B 42 -25.46 -15.77 -30.47
CA ASP B 42 -25.07 -14.59 -31.24
C ASP B 42 -23.56 -14.51 -31.51
N THR B 43 -22.96 -15.68 -31.68
CA THR B 43 -21.51 -15.82 -31.86
C THR B 43 -21.13 -15.74 -33.33
N ASP B 44 -22.00 -15.12 -34.14
CA ASP B 44 -21.82 -15.08 -35.58
C ASP B 44 -21.45 -13.69 -36.09
N GLY B 45 -22.03 -12.64 -35.50
CA GLY B 45 -21.61 -11.26 -35.76
C GLY B 45 -20.17 -10.89 -35.39
N GLU B 46 -19.62 -11.57 -34.39
CA GLU B 46 -18.44 -11.15 -33.61
C GLU B 46 -17.35 -10.30 -34.28
N PHE B 47 -17.23 -9.07 -33.79
CA PHE B 47 -16.15 -8.15 -34.17
C PHE B 47 -14.76 -8.57 -33.70
N PHE B 48 -13.80 -8.63 -34.61
CA PHE B 48 -12.38 -8.72 -34.28
C PHE B 48 -11.58 -7.52 -34.85
N TYR B 49 -10.48 -7.16 -34.19
CA TYR B 49 -9.54 -6.18 -34.73
C TYR B 49 -8.12 -6.73 -34.52
N ARG B 50 -7.13 -6.05 -35.08
CA ARG B 50 -5.75 -6.43 -34.96
C ARG B 50 -5.12 -5.66 -33.80
N LEU B 51 -4.74 -6.37 -32.74
CA LEU B 51 -4.25 -5.71 -31.53
C LEU B 51 -2.76 -5.87 -31.66
N ALA B 52 -2.10 -4.72 -31.77
CA ALA B 52 -0.65 -4.68 -31.73
C ALA B 52 -0.20 -3.38 -31.09
N VAL B 53 1.07 -3.34 -30.73
CA VAL B 53 1.60 -2.21 -30.00
C VAL B 53 2.95 -1.82 -30.55
N GLY B 54 3.18 -0.50 -30.52
CA GLY B 54 4.36 0.15 -31.05
C GLY B 54 4.85 1.32 -30.19
N ARG B 55 6.11 1.71 -30.44
CA ARG B 55 6.71 2.91 -29.84
C ARG B 55 6.92 3.98 -30.90
N CYS B 56 6.39 5.18 -30.67
CA CYS B 56 6.81 6.33 -31.47
C CYS B 56 8.30 6.59 -31.29
N HIS B 57 9.05 6.56 -32.39
CA HIS B 57 10.48 6.76 -32.28
C HIS B 57 10.86 8.19 -31.91
N ALA B 58 9.94 9.14 -32.09
CA ALA B 58 10.24 10.55 -31.81
C ALA B 58 9.93 10.94 -30.36
N CYS B 59 8.70 10.69 -29.93
CA CYS B 59 8.29 11.07 -28.56
C CYS B 59 8.32 9.93 -27.54
N GLY B 60 8.49 8.72 -28.03
CA GLY B 60 8.61 7.53 -27.22
C GLY B 60 7.31 6.92 -26.74
N MET B 61 6.18 7.54 -27.08
CA MET B 61 4.90 7.07 -26.57
C MET B 61 4.60 5.67 -27.09
N VAL B 62 4.33 4.76 -26.17
CA VAL B 62 3.93 3.41 -26.52
C VAL B 62 2.41 3.36 -26.62
N GLN B 63 1.91 2.74 -27.69
CA GLN B 63 0.48 2.84 -28.05
C GLN B 63 0.05 1.71 -28.98
N LEU B 64 -1.25 1.44 -29.02
CA LEU B 64 -1.79 0.43 -29.92
C LEU B 64 -1.66 0.95 -31.35
N THR B 65 -1.51 0.07 -32.33
CA THR B 65 -1.31 0.54 -33.71
C THR B 65 -2.62 0.73 -34.45
N GLU B 66 -3.69 0.14 -33.95
CA GLU B 66 -5.04 0.23 -34.52
C GLU B 66 -5.97 0.65 -33.36
N GLU B 67 -6.65 1.79 -33.48
CA GLU B 67 -7.66 2.20 -32.53
C GLU B 67 -8.97 1.43 -32.78
N VAL B 68 -9.61 0.99 -31.72
CA VAL B 68 -10.89 0.28 -31.79
C VAL B 68 -11.99 1.35 -31.82
N PRO B 69 -12.86 1.33 -32.84
CA PRO B 69 -13.87 2.41 -32.95
C PRO B 69 -14.58 2.65 -31.62
N ARG B 70 -14.63 3.92 -31.17
CA ARG B 70 -15.09 4.21 -29.81
C ARG B 70 -16.57 3.83 -29.61
N HIS B 71 -17.36 3.96 -30.69
CA HIS B 71 -18.77 3.55 -30.67
C HIS B 71 -18.97 2.08 -30.27
N LEU B 72 -18.01 1.22 -30.59
CA LEU B 72 -18.06 -0.18 -30.19
C LEU B 72 -17.61 -0.42 -28.77
N MET B 73 -16.92 0.55 -28.17
CA MET B 73 -16.62 0.48 -26.75
C MET B 73 -17.51 1.46 -25.99
N HIS B 81 -18.48 -0.61 -13.44
CA HIS B 81 -18.89 -0.23 -12.08
C HIS B 81 -17.75 -0.30 -11.06
N SER B 82 -17.05 0.82 -10.91
CA SER B 82 -15.81 0.90 -10.12
C SER B 82 -15.95 0.47 -8.66
N SER B 83 -17.12 0.74 -8.08
CA SER B 83 -17.38 0.46 -6.65
C SER B 83 -17.65 -1.00 -6.34
N GLY B 84 -17.69 -1.89 -7.33
CA GLY B 84 -17.86 -3.35 -7.07
C GLY B 84 -16.66 -4.03 -6.41
N SER B 85 -15.49 -3.44 -6.61
CA SER B 85 -14.23 -3.98 -6.06
C SER B 85 -13.94 -3.29 -4.72
N SER B 86 -13.89 -4.07 -3.64
CA SER B 86 -13.49 -3.54 -2.32
C SER B 86 -12.11 -2.87 -2.29
N VAL B 87 -11.10 -3.49 -2.91
CA VAL B 87 -9.76 -2.89 -3.05
C VAL B 87 -9.83 -1.47 -3.67
N MET B 88 -10.63 -1.29 -4.71
CA MET B 88 -10.70 0.04 -5.34
C MET B 88 -11.52 1.07 -4.55
N ARG B 89 -12.57 0.62 -3.88
CA ARG B 89 -13.30 1.48 -2.96
C ARG B 89 -12.35 2.05 -1.91
N GLU B 90 -11.53 1.20 -1.31
CA GLU B 90 -10.50 1.61 -0.31
C GLU B 90 -9.48 2.54 -0.94
N HIS B 91 -9.02 2.20 -2.14
CA HIS B 91 -8.06 3.03 -2.83
C HIS B 91 -8.61 4.44 -3.09
N PHE B 92 -9.82 4.53 -3.61
CA PHE B 92 -10.32 5.85 -3.97
C PHE B 92 -10.70 6.73 -2.79
N ALA B 93 -11.06 6.14 -1.66
CA ALA B 93 -11.20 6.87 -0.41
C ALA B 93 -9.90 7.61 -0.10
N LYS B 94 -8.79 6.90 -0.25
CA LYS B 94 -7.47 7.44 -0.02
C LYS B 94 -7.06 8.50 -1.04
N VAL B 95 -7.40 8.28 -2.31
CA VAL B 95 -7.21 9.30 -3.34
C VAL B 95 -7.92 10.59 -2.99
N ALA B 96 -9.17 10.47 -2.59
CA ALA B 96 -9.93 11.67 -2.23
C ALA B 96 -9.29 12.38 -1.04
N GLN B 97 -8.82 11.61 -0.08
CA GLN B 97 -8.17 12.25 1.06
C GLN B 97 -6.89 12.91 0.64
N ARG B 98 -6.11 12.25 -0.23
CA ARG B 98 -4.86 12.84 -0.73
C ARG B 98 -5.16 14.19 -1.41
N LEU B 99 -6.16 14.21 -2.29
CA LEU B 99 -6.46 15.44 -3.08
C LEU B 99 -6.98 16.54 -2.15
N LEU B 100 -7.88 16.16 -1.26
CA LEU B 100 -8.41 17.13 -0.28
C LEU B 100 -7.31 17.72 0.60
N ALA B 101 -6.38 16.86 1.03
CA ALA B 101 -5.34 17.29 1.98
C ALA B 101 -4.31 18.19 1.32
N THR B 102 -4.03 17.91 0.04
CA THR B 102 -2.87 18.52 -0.57
C THR B 102 -3.14 19.49 -1.70
N GLU B 103 -4.27 19.40 -2.40
CA GLU B 103 -4.41 20.22 -3.60
C GLU B 103 -5.65 21.09 -3.59
N LEU B 104 -6.51 20.94 -2.59
CA LEU B 104 -7.82 21.58 -2.69
C LEU B 104 -7.90 22.42 -1.46
N THR B 105 -6.86 23.23 -1.28
CA THR B 105 -6.79 24.25 -0.24
C THR B 105 -7.13 25.62 -0.91
N GLY B 106 -7.49 26.62 -0.10
CA GLY B 106 -8.12 27.86 -0.59
C GLY B 106 -9.59 27.97 -0.24
N ALA B 107 -10.16 29.14 -0.43
CA ALA B 107 -11.52 29.47 0.05
C ALA B 107 -12.63 28.58 -0.50
N ASP B 108 -12.60 28.38 -1.82
CA ASP B 108 -13.67 27.70 -2.55
C ASP B 108 -13.05 26.85 -3.65
N PRO B 109 -12.42 25.72 -3.28
CA PRO B 109 -11.75 24.93 -4.31
C PRO B 109 -12.71 24.08 -5.15
N PHE B 110 -12.18 23.58 -6.26
CA PHE B 110 -12.97 22.93 -7.29
C PHE B 110 -12.09 21.82 -7.90
N VAL B 111 -12.58 20.58 -7.77
CA VAL B 111 -11.98 19.39 -8.43
C VAL B 111 -12.89 18.89 -9.51
N VAL B 112 -12.31 18.64 -10.68
CA VAL B 112 -12.99 18.01 -11.81
C VAL B 112 -12.37 16.63 -12.04
N GLU B 113 -13.21 15.63 -12.29
CA GLU B 113 -12.73 14.27 -12.58
C GLU B 113 -13.20 13.82 -13.96
N ILE B 114 -12.25 13.37 -14.76
CA ILE B 114 -12.54 12.79 -16.05
C ILE B 114 -12.78 11.29 -15.84
N GLY B 115 -13.93 10.76 -16.25
CA GLY B 115 -14.28 9.36 -16.06
C GLY B 115 -14.59 8.89 -14.65
N CYS B 116 -15.45 9.63 -13.97
CA CYS B 116 -15.71 9.35 -12.56
C CYS B 116 -16.50 8.08 -12.34
N ASN B 117 -17.11 7.55 -13.41
CA ASN B 117 -17.82 6.28 -13.32
C ASN B 117 -18.91 6.41 -12.24
N ASP B 118 -19.01 5.49 -11.30
CA ASP B 118 -20.07 5.54 -10.27
C ASP B 118 -19.77 6.44 -9.07
N GLY B 119 -18.70 7.22 -9.19
CA GLY B 119 -18.47 8.37 -8.32
C GLY B 119 -17.89 8.07 -6.96
N ILE B 120 -17.19 6.95 -6.81
CA ILE B 120 -16.73 6.54 -5.48
C ILE B 120 -15.81 7.61 -4.94
N MET B 121 -14.87 8.02 -5.80
CA MET B 121 -13.91 8.99 -5.35
C MET B 121 -14.60 10.31 -5.02
N LEU B 122 -15.42 10.83 -5.92
CA LEU B 122 -15.95 12.18 -5.73
C LEU B 122 -16.97 12.23 -4.60
N ARG B 123 -17.57 11.09 -4.29
CA ARG B 123 -18.49 11.05 -3.14
C ARG B 123 -17.78 11.59 -1.88
N ALA B 124 -16.49 11.24 -1.73
CA ALA B 124 -15.75 11.64 -0.53
C ALA B 124 -15.54 13.14 -0.59
N VAL B 125 -15.34 13.66 -1.79
CA VAL B 125 -15.09 15.08 -1.97
C VAL B 125 -16.38 15.85 -1.59
N HIS B 126 -17.50 15.36 -2.08
CA HIS B 126 -18.81 15.98 -1.84
C HIS B 126 -19.10 16.02 -0.33
N GLU B 127 -18.80 14.94 0.35
CA GLU B 127 -19.07 14.84 1.79
C GLU B 127 -18.14 15.71 2.66
N ALA B 128 -16.98 16.06 2.13
CA ALA B 128 -16.12 17.04 2.77
C ALA B 128 -16.53 18.48 2.50
N GLY B 129 -17.55 18.65 1.64
CA GLY B 129 -18.15 19.94 1.34
C GLY B 129 -17.40 20.66 0.26
N VAL B 130 -16.73 19.93 -0.63
CA VAL B 130 -15.87 20.56 -1.61
C VAL B 130 -16.55 20.43 -2.98
N ARG B 131 -16.63 21.59 -3.62
CA ARG B 131 -17.16 21.72 -4.96
C ARG B 131 -16.41 20.86 -5.95
N HIS B 132 -17.16 20.26 -6.85
CA HIS B 132 -16.61 19.26 -7.72
C HIS B 132 -17.53 19.06 -8.90
N LEU B 133 -16.99 18.37 -9.92
CA LEU B 133 -17.76 17.96 -11.07
C LEU B 133 -17.10 16.74 -11.71
N GLY B 134 -17.87 15.68 -11.91
CA GLY B 134 -17.41 14.55 -12.68
C GLY B 134 -17.92 14.61 -14.10
N PHE B 135 -17.06 14.22 -15.03
CA PHE B 135 -17.46 13.92 -16.40
C PHE B 135 -17.53 12.43 -16.58
N GLU B 136 -18.68 11.97 -17.04
CA GLU B 136 -18.90 10.55 -17.24
C GLU B 136 -19.96 10.37 -18.33
N PRO B 137 -19.52 10.03 -19.55
CA PRO B 137 -20.47 9.90 -20.66
C PRO B 137 -21.33 8.65 -20.62
N SER B 138 -20.96 7.65 -19.82
CA SER B 138 -21.82 6.49 -19.67
C SER B 138 -22.98 6.79 -18.72
N ALA B 139 -24.20 6.82 -19.26
CA ALA B 139 -25.34 7.29 -18.48
C ALA B 139 -25.67 6.47 -17.26
N GLY B 140 -25.49 5.15 -17.32
CA GLY B 140 -25.88 4.32 -16.19
C GLY B 140 -25.07 4.57 -14.92
N VAL B 141 -23.75 4.39 -15.02
CA VAL B 141 -22.87 4.79 -13.92
C VAL B 141 -23.00 6.24 -13.51
N ALA B 142 -23.14 7.14 -14.47
CA ALA B 142 -23.32 8.56 -14.12
C ALA B 142 -24.47 8.74 -13.16
N GLU B 143 -25.59 8.04 -13.41
CA GLU B 143 -26.73 8.13 -12.52
C GLU B 143 -26.43 7.55 -11.16
N VAL B 144 -25.66 6.47 -11.11
CA VAL B 144 -25.25 5.92 -9.83
C VAL B 144 -24.46 6.96 -9.04
N ALA B 145 -23.51 7.60 -9.71
CA ALA B 145 -22.78 8.74 -9.13
C ALA B 145 -23.66 9.88 -8.64
N ARG B 146 -24.63 10.27 -9.46
CA ARG B 146 -25.64 11.24 -9.00
C ARG B 146 -26.38 10.81 -7.72
N SER B 147 -26.73 9.54 -7.63
CA SER B 147 -27.46 9.05 -6.48
C SER B 147 -26.65 9.12 -5.18
N ARG B 148 -25.31 9.15 -5.30
CA ARG B 148 -24.39 9.44 -4.20
C ARG B 148 -24.18 10.89 -3.84
N GLY B 149 -24.86 11.79 -4.52
CA GLY B 149 -24.66 13.22 -4.34
C GLY B 149 -23.60 13.85 -5.20
N VAL B 150 -23.00 13.08 -6.12
CA VAL B 150 -21.97 13.64 -6.97
C VAL B 150 -22.58 14.45 -8.10
N ARG B 151 -22.09 15.65 -8.34
CA ARG B 151 -22.46 16.45 -9.51
C ARG B 151 -21.77 15.92 -10.77
N VAL B 152 -22.53 15.57 -11.79
CA VAL B 152 -22.01 14.89 -12.96
C VAL B 152 -22.48 15.50 -14.24
N ARG B 153 -21.60 15.56 -15.23
CA ARG B 153 -22.01 15.92 -16.60
C ARG B 153 -21.81 14.69 -17.46
N THR B 154 -22.88 14.22 -18.10
CA THR B 154 -22.80 13.03 -18.94
C THR B 154 -22.23 13.43 -20.31
N GLU B 155 -20.94 13.77 -20.32
CA GLU B 155 -20.25 14.31 -21.49
C GLU B 155 -18.81 13.77 -21.49
N PHE B 156 -18.23 13.74 -22.69
CA PHE B 156 -16.78 13.56 -22.78
C PHE B 156 -16.07 14.84 -22.41
N PHE B 157 -14.98 14.69 -21.65
CA PHE B 157 -14.12 15.81 -21.36
C PHE B 157 -13.24 16.01 -22.56
N GLU B 158 -13.27 17.22 -23.10
CA GLU B 158 -12.48 17.59 -24.26
C GLU B 158 -12.36 19.10 -24.25
N LYS B 159 -11.68 19.68 -25.22
CA LYS B 159 -11.43 21.13 -25.16
C LYS B 159 -12.73 21.92 -24.98
N ALA B 160 -13.75 21.60 -25.77
CA ALA B 160 -14.98 22.40 -25.79
C ALA B 160 -15.73 22.29 -24.47
N THR B 161 -15.93 21.06 -24.01
CA THR B 161 -16.69 20.84 -22.81
C THR B 161 -15.99 21.37 -21.55
N ALA B 162 -14.65 21.27 -21.53
CA ALA B 162 -13.86 21.79 -20.44
C ALA B 162 -13.96 23.31 -20.41
N THR B 163 -13.91 23.93 -21.59
CA THR B 163 -13.93 25.40 -21.68
C THR B 163 -15.26 25.95 -21.17
N ALA B 164 -16.36 25.28 -21.47
CA ALA B 164 -17.68 25.69 -21.01
C ALA B 164 -17.76 25.61 -19.49
N VAL B 165 -17.09 24.60 -18.92
CA VAL B 165 -17.12 24.42 -17.48
C VAL B 165 -16.35 25.56 -16.83
N ARG B 166 -15.25 25.96 -17.45
CA ARG B 166 -14.50 27.11 -16.96
C ARG B 166 -15.44 28.34 -16.88
N GLU B 167 -16.27 28.53 -17.89
CA GLU B 167 -17.10 29.73 -17.98
C GLU B 167 -18.19 29.68 -16.92
N SER B 168 -18.88 28.54 -16.83
CA SER B 168 -19.96 28.40 -15.86
C SER B 168 -19.47 28.23 -14.42
N GLU B 169 -18.34 27.57 -14.18
CA GLU B 169 -17.93 27.20 -12.81
C GLU B 169 -16.64 27.79 -12.30
N GLY B 170 -15.91 28.50 -13.15
CA GLY B 170 -14.64 29.09 -12.78
C GLY B 170 -13.52 28.05 -12.84
N PRO B 171 -12.33 28.43 -12.34
CA PRO B 171 -11.16 27.60 -12.51
C PRO B 171 -11.13 26.42 -11.57
N ALA B 172 -10.51 25.34 -12.04
CA ALA B 172 -10.33 24.16 -11.22
C ALA B 172 -8.91 24.11 -10.65
N ASP B 173 -8.81 23.67 -9.41
CA ASP B 173 -7.51 23.41 -8.78
C ASP B 173 -6.86 22.09 -9.24
N VAL B 174 -7.73 21.12 -9.52
CA VAL B 174 -7.27 19.78 -9.92
C VAL B 174 -8.22 19.23 -10.97
N ILE B 175 -7.65 18.63 -12.00
CA ILE B 175 -8.33 17.72 -12.89
C ILE B 175 -7.74 16.32 -12.70
N TYR B 176 -8.59 15.38 -12.29
CA TYR B 176 -8.12 14.04 -11.89
C TYR B 176 -8.71 13.03 -12.87
N ALA B 177 -7.91 12.00 -13.21
CA ALA B 177 -8.38 10.84 -13.95
C ALA B 177 -7.69 9.53 -13.56
N ALA B 178 -8.46 8.50 -13.28
CA ALA B 178 -7.92 7.18 -12.96
C ALA B 178 -8.39 6.20 -14.03
N ASN B 179 -7.45 5.44 -14.61
CA ASN B 179 -7.80 4.42 -15.57
C ASN B 179 -8.64 4.97 -16.73
N THR B 180 -8.40 6.22 -17.07
CA THR B 180 -9.15 6.91 -18.11
C THR B 180 -8.30 7.60 -19.16
N MET B 181 -7.25 8.31 -18.74
CA MET B 181 -6.33 8.96 -19.66
C MET B 181 -5.75 8.02 -20.71
N CYS B 182 -5.39 6.81 -20.29
CA CYS B 182 -4.81 5.89 -21.25
C CYS B 182 -5.79 5.33 -22.27
N HIS B 183 -7.09 5.54 -22.05
CA HIS B 183 -8.16 5.11 -22.97
C HIS B 183 -8.42 6.17 -24.03
N ILE B 184 -7.92 7.40 -23.84
CA ILE B 184 -8.22 8.52 -24.74
C ILE B 184 -7.12 8.87 -25.77
N PRO B 185 -7.31 8.51 -27.06
CA PRO B 185 -6.21 8.79 -27.98
C PRO B 185 -5.94 10.27 -28.19
N TYR B 186 -7.00 11.09 -28.19
CA TYR B 186 -7.01 12.54 -28.38
CA TYR B 186 -6.79 12.54 -28.48
C TYR B 186 -6.50 13.34 -27.21
N LEU B 187 -5.29 13.10 -26.72
CA LEU B 187 -4.84 13.75 -25.51
C LEU B 187 -4.65 15.24 -25.70
N GLU B 188 -4.36 15.65 -26.92
CA GLU B 188 -4.14 17.08 -27.18
C GLU B 188 -5.41 17.85 -26.80
N SER B 189 -6.58 17.31 -27.12
CA SER B 189 -7.84 17.98 -26.75
C SER B 189 -8.07 18.04 -25.25
N VAL B 190 -7.67 16.96 -24.57
CA VAL B 190 -7.84 16.90 -23.12
C VAL B 190 -6.95 17.99 -22.51
N PHE B 191 -5.70 18.14 -22.97
CA PHE B 191 -4.77 19.08 -22.40
C PHE B 191 -5.07 20.53 -22.74
N GLN B 192 -5.60 20.74 -23.94
CA GLN B 192 -6.15 22.08 -24.26
C GLN B 192 -7.30 22.41 -23.31
N GLY B 193 -8.16 21.44 -23.05
CA GLY B 193 -9.22 21.59 -22.06
C GLY B 193 -8.70 21.95 -20.69
N ALA B 194 -7.65 21.25 -20.25
CA ALA B 194 -7.08 21.48 -18.94
C ALA B 194 -6.45 22.86 -18.92
N ASP B 195 -5.83 23.25 -20.03
CA ASP B 195 -5.27 24.59 -20.07
C ASP B 195 -6.33 25.69 -19.91
N ALA B 196 -7.50 25.52 -20.51
CA ALA B 196 -8.62 26.47 -20.31
C ALA B 196 -9.22 26.40 -18.92
N LEU B 197 -9.30 25.21 -18.36
CA LEU B 197 -10.08 25.01 -17.15
C LEU B 197 -9.29 25.22 -15.86
N LEU B 198 -8.00 24.89 -15.84
CA LEU B 198 -7.24 24.98 -14.58
C LEU B 198 -6.96 26.44 -14.16
N GLY B 199 -7.06 26.68 -12.86
CA GLY B 199 -6.47 27.83 -12.22
C GLY B 199 -4.97 27.99 -12.33
N PRO B 200 -4.44 29.08 -11.74
CA PRO B 200 -3.04 29.50 -11.76
C PRO B 200 -2.10 28.41 -11.29
N ASP B 201 -2.42 27.79 -10.16
CA ASP B 201 -1.56 26.71 -9.69
C ASP B 201 -2.19 25.33 -9.91
N GLY B 202 -3.01 25.22 -10.94
CA GLY B 202 -3.80 23.98 -11.17
C GLY B 202 -2.96 22.81 -11.67
N VAL B 203 -3.35 21.57 -11.35
CA VAL B 203 -2.64 20.39 -11.85
C VAL B 203 -3.59 19.34 -12.44
N VAL B 204 -3.11 18.61 -13.43
CA VAL B 204 -3.76 17.39 -13.91
C VAL B 204 -3.08 16.22 -13.24
N VAL B 205 -3.87 15.33 -12.63
CA VAL B 205 -3.33 14.20 -11.91
C VAL B 205 -3.99 12.99 -12.52
N PHE B 206 -3.22 12.08 -13.11
CA PHE B 206 -3.84 10.87 -13.66
C PHE B 206 -3.01 9.62 -13.35
N GLU B 207 -3.69 8.50 -13.11
CA GLU B 207 -3.05 7.22 -12.79
C GLU B 207 -3.56 6.17 -13.76
N ASP B 208 -2.64 5.35 -14.27
CA ASP B 208 -2.95 4.37 -15.31
C ASP B 208 -1.91 3.24 -15.25
N PRO B 209 -2.21 2.10 -15.88
CA PRO B 209 -1.24 0.99 -15.91
C PRO B 209 0.10 1.47 -16.45
N TYR B 210 1.18 1.02 -15.80
CA TYR B 210 2.51 1.54 -16.04
C TYR B 210 3.31 0.62 -16.94
N LEU B 211 3.81 1.15 -18.05
CA LEU B 211 4.65 0.41 -18.99
C LEU B 211 5.82 -0.35 -18.31
N GLY B 212 6.45 0.26 -17.29
CA GLY B 212 7.58 -0.37 -16.60
C GLY B 212 7.15 -1.68 -15.96
N ASP B 213 5.98 -1.67 -15.33
CA ASP B 213 5.46 -2.87 -14.67
C ASP B 213 5.03 -3.91 -15.70
N ILE B 214 4.44 -3.47 -16.79
CA ILE B 214 4.05 -4.44 -17.83
C ILE B 214 5.28 -5.18 -18.37
N VAL B 215 6.34 -4.42 -18.62
CA VAL B 215 7.59 -5.05 -19.10
C VAL B 215 8.23 -5.93 -18.05
N ALA B 216 8.33 -5.46 -16.80
CA ALA B 216 8.96 -6.26 -15.75
C ALA B 216 8.18 -7.52 -15.45
N LYS B 217 6.86 -7.47 -15.52
CA LYS B 217 5.99 -8.61 -15.17
C LYS B 217 5.56 -9.50 -16.34
N THR B 218 5.96 -9.10 -17.54
CA THR B 218 5.47 -9.72 -18.77
C THR B 218 3.92 -9.75 -18.74
N SER B 219 3.31 -8.71 -18.17
CA SER B 219 1.86 -8.68 -17.98
C SER B 219 1.15 -8.14 -19.22
N PHE B 220 1.25 -8.90 -20.30
CA PHE B 220 0.77 -8.49 -21.61
C PHE B 220 -0.74 -8.49 -21.67
N ASP B 221 -1.40 -9.14 -20.73
CA ASP B 221 -2.85 -9.04 -20.65
C ASP B 221 -3.38 -7.67 -20.24
N GLN B 222 -2.47 -6.75 -19.89
CA GLN B 222 -2.85 -5.37 -19.68
C GLN B 222 -3.04 -4.67 -21.05
N ILE B 223 -2.65 -5.35 -22.13
CA ILE B 223 -2.75 -4.81 -23.47
C ILE B 223 -4.05 -5.37 -24.07
N TYR B 224 -5.04 -4.49 -24.19
CA TYR B 224 -6.35 -4.86 -24.73
C TYR B 224 -7.11 -3.60 -25.17
N ASP B 225 -8.33 -3.78 -25.71
CA ASP B 225 -8.93 -2.68 -26.50
C ASP B 225 -8.95 -1.35 -25.77
N GLU B 226 -9.27 -1.38 -24.47
CA GLU B 226 -9.47 -0.13 -23.74
C GLU B 226 -8.20 0.66 -23.43
N HIS B 227 -7.04 0.01 -23.46
CA HIS B 227 -5.78 0.66 -23.08
C HIS B 227 -4.97 1.04 -24.30
N PHE B 228 -5.27 2.22 -24.83
CA PHE B 228 -4.66 2.70 -26.05
C PHE B 228 -3.20 3.12 -25.82
N TYR B 229 -2.94 3.74 -24.65
CA TYR B 229 -1.57 4.14 -24.28
C TYR B 229 -1.01 3.28 -23.15
N LEU B 230 0.28 2.96 -23.19
CA LEU B 230 0.99 2.39 -22.05
C LEU B 230 2.04 3.41 -21.58
N PHE B 231 1.62 4.27 -20.65
CA PHE B 231 2.40 5.47 -20.31
C PHE B 231 3.65 5.05 -19.46
N SER B 232 4.69 5.87 -19.57
CA SER B 232 5.87 5.81 -18.73
C SER B 232 6.15 7.23 -18.27
N ALA B 233 7.03 7.39 -17.29
CA ALA B 233 7.44 8.75 -16.95
C ALA B 233 8.03 9.48 -18.13
N GLY B 234 8.87 8.79 -18.89
CA GLY B 234 9.52 9.40 -20.03
C GLY B 234 8.54 9.88 -21.05
N SER B 235 7.59 9.03 -21.43
CA SER B 235 6.62 9.42 -22.43
C SER B 235 5.65 10.48 -21.98
N VAL B 236 5.23 10.38 -20.72
CA VAL B 236 4.44 11.41 -20.10
C VAL B 236 5.13 12.76 -20.02
N ALA B 237 6.41 12.81 -19.66
CA ALA B 237 7.19 14.06 -19.65
C ALA B 237 7.23 14.68 -21.05
N ALA B 238 7.41 13.88 -22.09
CA ALA B 238 7.47 14.41 -23.45
C ALA B 238 6.11 14.91 -23.92
N MET B 239 5.09 14.12 -23.64
CA MET B 239 3.75 14.56 -23.96
C MET B 239 3.39 15.86 -23.26
N ALA B 240 3.67 15.95 -21.96
CA ALA B 240 3.35 17.16 -21.22
C ALA B 240 3.96 18.39 -21.87
N GLU B 241 5.25 18.27 -22.20
CA GLU B 241 6.01 19.40 -22.75
C GLU B 241 5.43 19.79 -24.09
N ARG B 242 5.10 18.79 -24.91
CA ARG B 242 4.41 19.08 -26.15
C ARG B 242 3.21 19.98 -25.99
N PHE B 243 2.43 19.78 -24.92
CA PHE B 243 1.16 20.48 -24.75
C PHE B 243 1.33 21.68 -23.82
N GLY B 244 2.57 22.07 -23.53
CA GLY B 244 2.87 23.16 -22.58
C GLY B 244 2.73 22.91 -21.08
N PHE B 245 2.68 21.64 -20.69
CA PHE B 245 2.63 21.22 -19.28
C PHE B 245 4.00 20.61 -18.94
N GLU B 246 4.16 20.18 -17.70
CA GLU B 246 5.40 19.65 -17.18
C GLU B 246 5.11 18.55 -16.16
N LEU B 247 5.81 17.43 -16.27
CA LEU B 247 5.75 16.42 -15.24
C LEU B 247 6.43 16.86 -13.95
N VAL B 248 5.63 17.05 -12.90
CA VAL B 248 6.17 17.57 -11.65
C VAL B 248 6.08 16.64 -10.44
N ASP B 249 5.34 15.54 -10.54
CA ASP B 249 5.33 14.51 -9.50
C ASP B 249 4.92 13.17 -10.09
N VAL B 250 5.41 12.09 -9.47
CA VAL B 250 4.99 10.74 -9.83
C VAL B 250 4.86 9.94 -8.57
N GLU B 251 4.04 8.87 -8.61
CA GLU B 251 3.91 7.97 -7.50
C GLU B 251 3.53 6.61 -8.00
N ARG B 252 4.29 5.59 -7.67
CA ARG B 252 3.92 4.23 -8.00
C ARG B 252 2.74 3.76 -7.13
N LEU B 253 1.82 3.01 -7.75
CA LEU B 253 0.68 2.45 -7.07
C LEU B 253 0.55 0.97 -7.38
N PRO B 254 0.16 0.18 -6.39
CA PRO B 254 0.08 -1.25 -6.61
C PRO B 254 -1.16 -1.77 -7.32
N VAL B 255 -2.18 -0.92 -7.45
CA VAL B 255 -3.48 -1.33 -8.00
C VAL B 255 -3.41 -1.71 -9.47
N HIS B 256 -4.35 -2.55 -9.89
CA HIS B 256 -4.48 -2.94 -11.30
C HIS B 256 -3.18 -3.44 -11.88
N GLY B 257 -2.44 -4.21 -11.08
CA GLY B 257 -1.19 -4.80 -11.49
C GLY B 257 0.04 -3.94 -11.59
N GLY B 258 -0.08 -2.66 -11.20
CA GLY B 258 1.06 -1.75 -11.21
C GLY B 258 0.77 -0.52 -12.04
N GLU B 259 0.70 0.61 -11.36
CA GLU B 259 0.36 1.89 -11.97
C GLU B 259 1.32 2.97 -11.49
N VAL B 260 1.29 4.09 -12.19
CA VAL B 260 1.90 5.33 -11.75
C VAL B 260 0.86 6.44 -11.87
N ARG B 261 0.88 7.30 -10.87
CA ARG B 261 0.07 8.54 -10.83
C ARG B 261 1.03 9.66 -11.20
N TYR B 262 0.74 10.34 -12.32
CA TYR B 262 1.48 11.48 -12.83
C TYR B 262 0.78 12.79 -12.44
N THR B 263 1.57 13.80 -12.08
CA THR B 263 1.07 15.15 -11.76
C THR B 263 1.71 16.12 -12.75
N LEU B 264 0.88 16.79 -13.53
CA LEU B 264 1.33 17.73 -14.55
C LEU B 264 0.85 19.14 -14.16
N ALA B 265 1.79 20.09 -14.16
CA ALA B 265 1.51 21.50 -13.93
C ALA B 265 1.82 22.22 -15.23
N ARG B 266 1.33 23.44 -15.40
CA ARG B 266 1.72 24.24 -16.56
C ARG B 266 3.24 24.43 -16.51
N ARG B 267 3.90 24.46 -17.66
CA ARG B 267 5.36 24.54 -17.67
C ARG B 267 5.82 25.70 -16.82
N GLY B 268 6.78 25.46 -15.94
CA GLY B 268 7.34 26.51 -15.08
C GLY B 268 6.56 26.89 -13.83
N ALA B 269 5.34 26.41 -13.68
CA ALA B 269 4.58 26.76 -12.49
C ALA B 269 5.10 26.10 -11.22
N ARG B 270 5.63 24.89 -11.33
CA ARG B 270 6.05 24.15 -10.17
C ARG B 270 7.40 23.53 -10.43
N THR B 271 8.04 23.11 -9.34
CA THR B 271 9.36 22.47 -9.39
C THR B 271 9.16 20.97 -9.28
N PRO B 272 9.60 20.19 -10.28
CA PRO B 272 9.44 18.76 -10.15
C PRO B 272 9.99 18.22 -8.85
N THR B 273 9.29 17.25 -8.27
CA THR B 273 9.76 16.62 -7.06
C THR B 273 10.92 15.69 -7.39
N GLU B 274 11.63 15.26 -6.35
CA GLU B 274 12.71 14.30 -6.50
C GLU B 274 12.20 12.96 -7.00
N ALA B 275 10.93 12.65 -6.76
CA ALA B 275 10.39 11.41 -7.30
C ALA B 275 10.47 11.29 -8.82
N VAL B 276 10.28 12.37 -9.54
CA VAL B 276 10.23 12.35 -11.00
C VAL B 276 11.57 11.87 -11.51
N GLY B 277 12.64 12.51 -11.04
CA GLY B 277 14.00 12.06 -11.33
C GLY B 277 14.28 10.62 -11.02
N ARG B 278 13.85 10.16 -9.84
CA ARG B 278 14.09 8.79 -9.42
C ARG B 278 13.39 7.79 -10.33
N LEU B 279 12.16 8.10 -10.75
CA LEU B 279 11.46 7.22 -11.67
C LEU B 279 12.08 7.17 -13.06
N LEU B 280 12.54 8.31 -13.51
CA LEU B 280 13.24 8.37 -14.78
C LEU B 280 14.56 7.60 -14.67
N ALA B 281 15.23 7.68 -13.53
CA ALA B 281 16.40 6.81 -13.33
C ALA B 281 16.07 5.31 -13.37
N GLU B 282 14.94 4.90 -12.77
CA GLU B 282 14.50 3.52 -12.87
C GLU B 282 14.27 3.14 -14.31
N GLU B 283 13.71 4.03 -15.10
CA GLU B 283 13.44 3.72 -16.52
C GLU B 283 14.77 3.60 -17.28
N ARG B 284 15.75 4.44 -16.96
CA ARG B 284 17.10 4.27 -17.57
C ARG B 284 17.70 2.92 -17.16
N GLU B 285 17.59 2.56 -15.87
CA GLU B 285 18.12 1.25 -15.43
C GLU B 285 17.45 0.09 -16.18
N GLN B 286 16.14 0.20 -16.41
CA GLN B 286 15.39 -0.84 -17.08
C GLN B 286 15.68 -0.85 -18.57
N GLY B 287 16.20 0.25 -19.10
CA GLY B 287 16.36 0.38 -20.56
C GLY B 287 15.00 0.55 -21.22
N LEU B 288 14.06 1.15 -20.51
CA LEU B 288 12.67 1.12 -20.98
C LEU B 288 12.44 1.93 -22.28
N ASP B 289 13.33 2.87 -22.60
CA ASP B 289 13.22 3.66 -23.81
C ASP B 289 14.00 3.08 -24.99
N ASP B 290 14.60 1.93 -24.81
CA ASP B 290 15.23 1.22 -25.93
C ASP B 290 14.25 0.20 -26.52
N LEU B 291 14.00 0.33 -27.82
CA LEU B 291 13.18 -0.65 -28.50
C LEU B 291 13.65 -2.07 -28.30
N ALA B 292 14.95 -2.28 -28.14
CA ALA B 292 15.40 -3.64 -27.88
C ALA B 292 14.79 -4.23 -26.61
N THR B 293 14.62 -3.42 -25.57
CA THR B 293 14.01 -3.88 -24.33
C THR B 293 12.55 -4.31 -24.56
N LEU B 294 11.85 -3.55 -25.38
CA LEU B 294 10.47 -3.85 -25.77
C LEU B 294 10.37 -5.09 -26.65
N ARG B 295 11.40 -5.33 -27.45
CA ARG B 295 11.50 -6.59 -28.16
C ARG B 295 11.75 -7.78 -27.24
N THR B 296 12.53 -7.59 -26.18
CA THR B 296 12.77 -8.63 -25.22
C THR B 296 11.45 -8.96 -24.50
N PHE B 297 10.69 -7.92 -24.19
CA PHE B 297 9.36 -8.13 -23.62
C PHE B 297 8.49 -8.97 -24.55
N ALA B 298 8.46 -8.61 -25.83
CA ALA B 298 7.73 -9.38 -26.82
C ALA B 298 8.17 -10.84 -26.88
N ALA B 299 9.47 -11.09 -26.84
CA ALA B 299 9.97 -12.46 -26.86
C ALA B 299 9.48 -13.18 -25.61
N ASN B 300 9.50 -12.49 -24.46
CA ASN B 300 8.98 -13.07 -23.23
C ASN B 300 7.48 -13.39 -23.31
N VAL B 301 6.71 -12.55 -23.97
CA VAL B 301 5.28 -12.78 -24.17
C VAL B 301 5.05 -14.06 -24.98
N HIS B 302 5.83 -14.23 -26.04
CA HIS B 302 5.78 -15.47 -26.83
C HIS B 302 6.15 -16.72 -26.02
N THR B 303 7.15 -16.59 -25.17
CA THR B 303 7.53 -17.66 -24.27
C THR B 303 6.41 -17.98 -23.29
N VAL B 304 5.75 -16.96 -22.72
CA VAL B 304 4.62 -17.23 -21.86
C VAL B 304 3.54 -18.03 -22.62
N ARG B 305 3.23 -17.62 -23.83
CA ARG B 305 2.24 -18.33 -24.63
C ARG B 305 2.64 -19.80 -24.79
N ASP B 306 3.87 -20.03 -25.25
CA ASP B 306 4.38 -21.38 -25.46
C ASP B 306 4.26 -22.22 -24.22
N GLU B 307 4.75 -21.69 -23.11
CA GLU B 307 4.75 -22.43 -21.86
C GLU B 307 3.35 -22.63 -21.35
N LEU B 308 2.48 -21.64 -21.49
CA LEU B 308 1.11 -21.85 -21.03
C LEU B 308 0.33 -22.90 -21.83
N VAL B 309 0.39 -22.78 -23.15
CA VAL B 309 -0.24 -23.75 -24.03
C VAL B 309 0.33 -25.15 -23.82
N ALA B 310 1.64 -25.28 -23.69
CA ALA B 310 2.24 -26.59 -23.43
C ALA B 310 1.69 -27.20 -22.15
N LEU B 311 1.57 -26.39 -21.10
CA LEU B 311 1.10 -26.87 -19.81
C LEU B 311 -0.34 -27.31 -19.87
N LEU B 312 -1.20 -26.48 -20.43
CA LEU B 312 -2.61 -26.80 -20.57
C LEU B 312 -2.85 -28.07 -21.41
N THR B 313 -2.03 -28.21 -22.45
CA THR B 313 -2.09 -29.32 -23.41
C THR B 313 -1.82 -30.64 -22.69
N ARG B 314 -0.69 -30.65 -21.99
CA ARG B 314 -0.26 -31.78 -21.18
C ARG B 314 -1.29 -32.14 -20.13
N LEU B 315 -1.78 -31.15 -19.39
CA LEU B 315 -2.79 -31.38 -18.38
C LEU B 315 -4.06 -32.02 -18.92
N ARG B 316 -4.50 -31.58 -20.10
CA ARG B 316 -5.65 -32.20 -20.73
C ARG B 316 -5.29 -33.64 -21.15
N ALA B 317 -4.10 -33.81 -21.69
CA ALA B 317 -3.63 -35.14 -22.12
C ALA B 317 -3.51 -36.12 -20.95
N GLU B 318 -3.14 -35.60 -19.79
CA GLU B 318 -3.06 -36.35 -18.55
C GLU B 318 -4.45 -36.55 -17.97
N GLY B 319 -5.48 -36.06 -18.66
CA GLY B 319 -6.85 -36.19 -18.21
C GLY B 319 -7.29 -35.35 -17.03
N HIS B 320 -6.50 -34.35 -16.63
CA HIS B 320 -6.92 -33.42 -15.57
C HIS B 320 -7.93 -32.38 -16.05
N ARG B 321 -8.70 -31.86 -15.10
CA ARG B 321 -9.76 -30.89 -15.37
C ARG B 321 -9.28 -29.47 -15.03
N VAL B 322 -9.44 -28.52 -15.95
CA VAL B 322 -8.95 -27.16 -15.74
C VAL B 322 -10.09 -26.17 -15.94
N VAL B 323 -10.28 -25.32 -14.93
CA VAL B 323 -11.29 -24.28 -14.92
C VAL B 323 -10.57 -22.93 -14.83
N GLY B 324 -11.12 -21.91 -15.47
CA GLY B 324 -10.58 -20.55 -15.35
C GLY B 324 -11.15 -19.86 -14.15
N TYR B 325 -10.40 -18.96 -13.53
CA TYR B 325 -10.98 -18.23 -12.41
C TYR B 325 -10.90 -16.71 -12.62
N GLY B 326 -12.07 -16.11 -12.73
CA GLY B 326 -12.26 -14.69 -13.04
C GLY B 326 -12.26 -14.34 -14.52
N ALA B 327 -13.41 -13.91 -15.02
CA ALA B 327 -13.57 -13.59 -16.45
C ALA B 327 -13.24 -12.12 -16.61
N THR B 328 -11.95 -11.84 -16.51
CA THR B 328 -11.48 -10.47 -16.55
C THR B 328 -11.58 -9.97 -17.98
N ALA B 329 -11.77 -8.67 -18.13
CA ALA B 329 -11.61 -8.09 -19.47
C ALA B 329 -10.24 -8.48 -20.05
N LYS B 330 -9.18 -8.37 -19.26
CA LYS B 330 -7.81 -8.67 -19.70
C LYS B 330 -7.67 -10.08 -20.27
N SER B 331 -8.44 -11.04 -19.75
CA SER B 331 -8.25 -12.45 -20.09
C SER B 331 -8.48 -12.71 -21.58
N ALA B 332 -9.31 -11.88 -22.22
CA ALA B 332 -9.52 -12.03 -23.67
C ALA B 332 -8.22 -12.00 -24.46
N THR B 333 -7.32 -11.11 -24.08
CA THR B 333 -6.05 -11.05 -24.72
C THR B 333 -5.30 -12.38 -24.60
N VAL B 334 -5.37 -12.99 -23.43
CA VAL B 334 -4.68 -14.23 -23.19
C VAL B 334 -5.29 -15.39 -24.02
N THR B 335 -6.57 -15.61 -23.89
CA THR B 335 -7.18 -16.78 -24.54
C THR B 335 -7.01 -16.71 -26.06
N ASN B 336 -7.24 -15.53 -26.63
CA ASN B 336 -7.13 -15.34 -28.08
C ASN B 336 -5.71 -15.37 -28.62
N PHE B 337 -4.78 -14.69 -27.97
CA PHE B 337 -3.40 -14.81 -28.39
C PHE B 337 -2.86 -16.25 -28.28
N CYS B 338 -3.21 -16.93 -27.20
CA CYS B 338 -2.65 -18.25 -26.90
C CYS B 338 -3.51 -19.37 -27.53
N GLY B 339 -4.70 -19.00 -28.02
CA GLY B 339 -5.57 -19.95 -28.72
C GLY B 339 -6.16 -20.97 -27.77
N ILE B 340 -6.51 -20.50 -26.57
CA ILE B 340 -7.03 -21.34 -25.50
C ILE B 340 -8.55 -21.33 -25.57
N GLY B 341 -9.08 -22.46 -26.05
CA GLY B 341 -10.51 -22.66 -26.09
C GLY B 341 -11.00 -23.69 -25.08
N PRO B 342 -12.31 -24.01 -25.13
CA PRO B 342 -12.93 -24.84 -24.11
C PRO B 342 -12.40 -26.28 -24.03
N ASP B 343 -11.73 -26.74 -25.06
CA ASP B 343 -11.01 -27.98 -24.99
C ASP B 343 -9.87 -27.91 -23.97
N LEU B 344 -9.27 -26.74 -23.77
CA LEU B 344 -8.18 -26.58 -22.80
C LEU B 344 -8.61 -26.03 -21.42
N VAL B 345 -9.68 -25.24 -21.39
CA VAL B 345 -10.27 -24.72 -20.18
C VAL B 345 -11.79 -24.78 -20.28
N SER B 346 -12.44 -25.48 -19.35
CA SER B 346 -13.82 -25.91 -19.54
C SER B 346 -14.81 -24.79 -19.41
N PHE B 347 -14.63 -23.96 -18.39
CA PHE B 347 -15.44 -22.78 -18.22
C PHE B 347 -14.61 -21.83 -17.35
N VAL B 348 -15.17 -20.66 -17.07
CA VAL B 348 -14.52 -19.70 -16.19
C VAL B 348 -15.55 -19.35 -15.16
N CYS B 349 -15.23 -19.45 -13.86
CA CYS B 349 -16.13 -18.95 -12.86
C CYS B 349 -15.91 -17.48 -12.63
N ASP B 350 -16.99 -16.79 -12.29
CA ASP B 350 -16.99 -15.34 -12.15
C ASP B 350 -18.17 -14.89 -11.33
N THR B 351 -17.94 -13.89 -10.49
CA THR B 351 -18.93 -13.35 -9.56
C THR B 351 -19.82 -12.24 -10.15
N THR B 352 -19.58 -11.84 -11.40
CA THR B 352 -20.28 -10.71 -12.00
C THR B 352 -21.54 -11.19 -12.74
N PRO B 353 -22.73 -10.82 -12.24
CA PRO B 353 -23.96 -11.33 -12.86
C PRO B 353 -24.08 -11.09 -14.37
N GLY B 354 -23.79 -9.87 -14.79
CA GLY B 354 -23.79 -9.57 -16.21
C GLY B 354 -22.89 -10.44 -17.09
N LYS B 355 -21.93 -11.16 -16.51
CA LYS B 355 -21.07 -12.04 -17.28
C LYS B 355 -21.49 -13.51 -17.20
N GLN B 356 -22.14 -13.89 -16.11
CA GLN B 356 -22.53 -15.28 -15.92
C GLN B 356 -23.43 -15.78 -17.05
N HIS B 357 -23.21 -17.03 -17.45
CA HIS B 357 -24.08 -17.73 -18.40
C HIS B 357 -23.90 -17.18 -19.81
N ARG B 358 -22.77 -16.51 -20.05
CA ARG B 358 -22.46 -16.02 -21.38
C ARG B 358 -21.14 -16.65 -21.79
N LEU B 359 -20.70 -16.40 -23.01
CA LEU B 359 -19.44 -16.92 -23.50
C LEU B 359 -18.38 -15.81 -23.51
N THR B 360 -17.15 -16.17 -23.17
CA THR B 360 -16.10 -15.16 -23.14
C THR B 360 -15.77 -14.72 -24.56
N PRO B 361 -15.26 -13.48 -24.70
CA PRO B 361 -14.97 -12.98 -26.03
C PRO B 361 -14.01 -13.80 -26.86
N GLY B 362 -14.36 -14.03 -28.12
CA GLY B 362 -13.44 -14.62 -29.09
C GLY B 362 -13.24 -16.14 -29.02
N LYS B 363 -13.01 -16.65 -27.82
CA LYS B 363 -12.74 -18.07 -27.63
C LYS B 363 -13.90 -18.80 -26.97
N HIS B 364 -14.88 -18.06 -26.48
CA HIS B 364 -16.20 -18.57 -26.16
C HIS B 364 -16.21 -19.54 -24.97
N LEU B 365 -15.36 -19.29 -23.97
CA LEU B 365 -15.33 -20.12 -22.78
C LEU B 365 -16.61 -19.86 -22.03
N PRO B 366 -17.34 -20.92 -21.63
CA PRO B 366 -18.54 -20.66 -20.80
C PRO B 366 -18.24 -19.99 -19.45
N VAL B 367 -19.09 -19.07 -19.01
CA VAL B 367 -18.91 -18.39 -17.74
C VAL B 367 -19.98 -18.78 -16.75
N ARG B 368 -19.56 -19.18 -15.55
CA ARG B 368 -20.45 -19.74 -14.56
C ARG B 368 -20.26 -19.05 -13.22
N PRO B 369 -21.30 -19.01 -12.38
CA PRO B 369 -21.20 -18.45 -11.03
C PRO B 369 -20.11 -19.12 -10.22
N ALA B 370 -19.73 -18.49 -9.13
CA ALA B 370 -18.61 -18.95 -8.30
C ALA B 370 -18.87 -20.37 -7.76
N GLU B 371 -20.14 -20.61 -7.41
CA GLU B 371 -20.58 -21.89 -6.85
C GLU B 371 -20.21 -23.05 -7.76
N ALA B 372 -20.12 -22.82 -9.07
CA ALA B 372 -19.78 -23.89 -10.00
C ALA B 372 -18.35 -24.39 -9.87
N PHE B 373 -17.47 -23.61 -9.25
CA PHE B 373 -16.09 -24.03 -9.02
C PHE B 373 -16.03 -25.32 -8.13
N ALA B 374 -16.95 -25.42 -7.18
CA ALA B 374 -16.97 -26.49 -6.16
C ALA B 374 -17.94 -27.63 -6.54
N ASP B 375 -18.34 -27.68 -7.80
CA ASP B 375 -19.40 -28.59 -8.21
C ASP B 375 -19.01 -29.45 -9.41
N PRO B 376 -18.05 -30.36 -9.29
CA PRO B 376 -17.12 -30.53 -8.16
C PRO B 376 -15.83 -29.70 -8.37
N TYR B 377 -14.87 -29.75 -7.44
CA TYR B 377 -13.61 -29.02 -7.61
C TYR B 377 -12.77 -29.57 -8.76
N PRO B 378 -12.23 -28.69 -9.62
CA PRO B 378 -11.35 -29.12 -10.68
C PRO B 378 -10.01 -29.49 -10.06
N ASP B 379 -9.11 -29.99 -10.88
CA ASP B 379 -7.73 -30.31 -10.48
C ASP B 379 -6.79 -29.10 -10.56
N TYR B 380 -7.00 -28.26 -11.57
CA TYR B 380 -6.29 -26.99 -11.71
C TYR B 380 -7.24 -25.83 -11.95
N ALA B 381 -6.88 -24.66 -11.42
CA ALA B 381 -7.62 -23.43 -11.64
C ALA B 381 -6.66 -22.38 -12.24
N LEU B 382 -6.98 -21.92 -13.45
CA LEU B 382 -6.14 -20.97 -14.20
C LEU B 382 -6.55 -19.59 -13.75
N LEU B 383 -5.62 -18.87 -13.10
CA LEU B 383 -6.01 -17.64 -12.43
C LEU B 383 -5.88 -16.46 -13.39
N PHE B 384 -6.98 -16.08 -14.03
CA PHE B 384 -7.00 -14.84 -14.80
C PHE B 384 -7.03 -13.58 -13.93
N ALA B 385 -7.70 -13.62 -12.78
CA ALA B 385 -7.81 -12.47 -11.87
C ALA B 385 -6.59 -12.39 -10.97
N TRP B 386 -5.44 -12.31 -11.61
CA TRP B 386 -4.15 -12.44 -10.92
C TRP B 386 -3.87 -11.25 -9.99
N ASN B 387 -4.54 -10.12 -10.21
CA ASN B 387 -4.40 -8.96 -9.31
C ASN B 387 -5.04 -9.26 -7.95
N HIS B 388 -5.85 -10.31 -7.90
CA HIS B 388 -6.54 -10.64 -6.68
C HIS B 388 -6.14 -12.01 -6.15
N ALA B 389 -4.90 -12.43 -6.39
CA ALA B 389 -4.45 -13.76 -6.03
C ALA B 389 -4.68 -14.14 -4.57
N ASP B 390 -4.25 -13.28 -3.66
CA ASP B 390 -4.39 -13.55 -2.25
C ASP B 390 -5.86 -13.73 -1.85
N GLU B 391 -6.70 -12.79 -2.25
CA GLU B 391 -8.06 -12.80 -1.84
C GLU B 391 -8.72 -14.08 -2.36
N ILE B 392 -8.36 -14.48 -3.57
CA ILE B 392 -9.01 -15.64 -4.19
C ILE B 392 -8.51 -16.95 -3.61
N MET B 393 -7.20 -17.09 -3.55
CA MET B 393 -6.62 -18.27 -2.98
C MET B 393 -6.94 -18.42 -1.49
N ALA B 394 -7.04 -17.33 -0.73
CA ALA B 394 -7.39 -17.43 0.67
C ALA B 394 -8.79 -17.97 0.87
N LYS B 395 -9.71 -17.57 0.01
CA LYS B 395 -11.08 -17.97 0.25
C LYS B 395 -11.37 -19.37 -0.27
N GLU B 396 -10.50 -19.94 -1.10
CA GLU B 396 -10.73 -21.27 -1.66
C GLU B 396 -9.94 -22.36 -0.92
N GLN B 397 -10.19 -22.45 0.39
CA GLN B 397 -9.47 -23.37 1.26
C GLN B 397 -9.75 -24.84 0.91
N GLU B 398 -11.00 -25.17 0.64
CA GLU B 398 -11.36 -26.58 0.37
C GLU B 398 -10.74 -27.05 -0.92
N PHE B 399 -10.68 -26.17 -1.92
CA PHE B 399 -9.97 -26.44 -3.14
C PHE B 399 -8.53 -26.86 -2.85
N ARG B 400 -7.83 -26.12 -1.99
CA ARG B 400 -6.44 -26.49 -1.62
C ARG B 400 -6.44 -27.81 -0.88
N GLN B 401 -7.35 -27.98 0.07
CA GLN B 401 -7.37 -29.19 0.91
C GLN B 401 -7.61 -30.43 0.05
N ALA B 402 -8.43 -30.26 -0.98
CA ALA B 402 -8.75 -31.34 -1.89
C ALA B 402 -7.65 -31.57 -2.94
N GLY B 403 -6.54 -30.85 -2.85
CA GLY B 403 -5.37 -31.08 -3.72
C GLY B 403 -5.35 -30.26 -5.00
N GLY B 404 -6.33 -29.38 -5.18
CA GLY B 404 -6.36 -28.44 -6.31
C GLY B 404 -5.15 -27.53 -6.35
N ARG B 405 -4.73 -27.20 -7.56
CA ARG B 405 -3.53 -26.42 -7.76
C ARG B 405 -3.86 -25.22 -8.66
N TRP B 406 -3.10 -24.14 -8.50
CA TRP B 406 -3.45 -22.89 -9.20
C TRP B 406 -2.41 -22.73 -10.30
N ILE B 407 -2.85 -22.29 -11.48
CA ILE B 407 -1.93 -22.01 -12.58
C ILE B 407 -1.93 -20.49 -12.73
N LEU B 408 -0.74 -19.91 -12.68
CA LEU B 408 -0.51 -18.49 -12.87
C LEU B 408 0.34 -18.28 -14.10
N TYR B 409 0.15 -17.15 -14.80
CA TYR B 409 0.96 -16.79 -15.98
C TYR B 409 1.66 -15.44 -15.86
N VAL B 410 1.49 -14.79 -14.70
CA VAL B 410 2.21 -13.53 -14.40
C VAL B 410 2.98 -13.75 -13.09
N PRO B 411 4.29 -13.51 -13.04
CA PRO B 411 5.10 -12.91 -14.11
C PRO B 411 5.69 -13.96 -15.03
N GLU B 412 5.34 -15.22 -14.79
CA GLU B 412 5.67 -16.34 -15.67
C GLU B 412 4.74 -17.50 -15.38
N VAL B 413 4.76 -18.49 -16.27
CA VAL B 413 3.87 -19.62 -16.16
C VAL B 413 4.41 -20.51 -15.04
N ARG B 414 3.54 -20.86 -14.11
CA ARG B 414 3.93 -21.76 -13.02
C ARG B 414 2.68 -22.28 -12.35
N VAL B 415 2.85 -23.43 -11.71
CA VAL B 415 1.83 -24.05 -10.90
C VAL B 415 2.12 -23.77 -9.43
N LEU B 416 1.12 -23.30 -8.69
CA LEU B 416 1.24 -23.16 -7.24
C LEU B 416 0.35 -24.16 -6.46
ZN ZN C . 25.38 -7.70 17.61
N SAH D . 0.16 -6.64 16.36
CA SAH D . -0.68 -5.45 16.71
CB SAH D . -0.22 -4.89 18.06
CG SAH D . 1.18 -4.29 18.14
SD SAH D . 1.50 -3.60 19.78
C SAH D . -0.57 -4.39 15.68
O SAH D . 0.29 -4.52 14.82
OXT SAH D . -1.32 -3.41 15.68
C5' SAH D . 2.62 -4.68 20.58
C4' SAH D . 1.91 -5.94 21.10
O4' SAH D . 2.79 -7.00 21.48
C3' SAH D . 1.14 -5.61 22.39
O3' SAH D . -0.23 -6.01 22.27
C2' SAH D . 1.88 -6.31 23.51
O2' SAH D . 1.03 -6.67 24.59
C1' SAH D . 2.36 -7.54 22.75
N9 SAH D . 3.54 -8.28 23.24
C8 SAH D . 4.63 -7.75 23.80
N7 SAH D . 5.53 -8.71 24.07
C5 SAH D . 5.00 -9.90 23.70
C6 SAH D . 5.41 -11.33 23.68
N6 SAH D . 6.62 -11.66 24.12
N1 SAH D . 4.56 -12.28 23.21
C2 SAH D . 3.38 -11.90 22.78
N3 SAH D . 2.92 -10.62 22.69
C4 SAH D . 3.68 -9.60 23.16
MG MG E . -16.09 16.73 10.88
MG MG F . 20.31 -22.11 0.53
MG MG G . 22.45 11.91 28.07
P TMP H . -1.02 5.44 17.60
O1P TMP H . -0.23 5.62 18.91
O2P TMP H . -0.22 5.29 16.30
O3P TMP H . -2.17 4.42 17.63
O5' TMP H . -1.58 6.93 17.27
C5' TMP H . -2.77 7.33 16.58
C4' TMP H . -3.47 8.20 17.61
O4' TMP H . -4.06 9.33 16.99
C3' TMP H . -4.53 7.45 18.42
O3' TMP H . -4.42 7.75 19.83
C2' TMP H . -5.82 7.97 17.80
C1' TMP H . -5.46 9.37 17.28
N1 TMP H . -6.18 9.77 16.09
C2 TMP H . -7.06 10.86 16.20
O2 TMP H . -7.20 11.41 17.31
N3 TMP H . -7.75 11.27 15.14
C4 TMP H . -7.63 10.66 13.95
O4 TMP H . -8.29 11.06 12.98
C5 TMP H . -6.69 9.54 13.79
C5M TMP H . -6.53 8.86 12.45
C6 TMP H . -5.96 9.14 14.90
ZN ZN I . 5.10 10.53 -30.97
N SAH J . -12.14 6.14 -12.98
CA SAH J . -12.84 4.84 -12.85
CB SAH J . -13.39 4.37 -14.21
CG SAH J . -12.31 3.85 -15.15
SD SAH J . -12.98 3.31 -16.72
C SAH J . -11.91 3.86 -12.21
O SAH J . -10.71 4.13 -12.11
OXT SAH J . -12.35 2.77 -11.84
C5' SAH J . -12.94 4.74 -17.76
C4' SAH J . -14.13 5.65 -17.60
O4' SAH J . -13.91 6.84 -18.37
C3' SAH J . -15.46 5.06 -18.08
O3' SAH J . -16.45 5.29 -17.04
C2' SAH J . -15.75 5.79 -19.38
O2' SAH J . -17.14 6.00 -19.62
C1' SAH J . -15.11 7.15 -19.14
N9 SAH J . -14.63 7.94 -20.28
C8 SAH J . -14.05 7.54 -21.41
N7 SAH J . -13.69 8.60 -22.15
C5 SAH J . -13.96 9.71 -21.46
C6 SAH J . -13.80 11.17 -21.63
N6 SAH J . -13.25 11.75 -22.70
N1 SAH J . -14.26 11.97 -20.65
C2 SAH J . -14.85 11.50 -19.55
N3 SAH J . -15.00 10.19 -19.32
C4 SAH J . -14.59 9.27 -20.22
C1 EDO K . 5.63 20.11 -7.14
O1 EDO K . 5.22 21.14 -6.21
C2 EDO K . 4.69 18.91 -7.05
O2 EDO K . 3.33 19.26 -7.32
C1 EDO L . -3.74 6.85 -2.87
O1 EDO L . -3.09 6.00 -3.85
C2 EDO L . -2.70 7.63 -2.06
O2 EDO L . -1.37 7.54 -2.69
P TMP M . -11.27 -6.75 -13.25
O1P TMP M . -10.06 -6.60 -12.36
O2P TMP M . -12.47 -5.93 -12.77
O3P TMP M . -11.11 -6.80 -14.77
O5' TMP M . -11.72 -8.29 -13.06
C5' TMP M . -12.21 -8.91 -11.88
C4' TMP M . -13.11 -10.06 -12.36
O4' TMP M . -12.81 -11.25 -11.60
C3' TMP M . -14.57 -9.72 -12.12
O3' TMP M . -15.34 -10.19 -13.22
C2' TMP M . -14.89 -10.46 -10.84
C1' TMP M . -13.92 -11.63 -10.83
N1 TMP M . -13.62 -12.05 -9.46
C2 TMP M . -14.17 -13.26 -8.98
O2 TMP M . -14.85 -14.02 -9.72
N3 TMP M . -13.94 -13.68 -7.73
C4 TMP M . -13.23 -12.95 -6.88
O4 TMP M . -13.07 -13.37 -5.70
C5 TMP M . -12.65 -11.65 -7.33
C5M TMP M . -11.83 -10.77 -6.43
C6 TMP M . -12.91 -11.25 -8.64
#